data_1UUM
#
_entry.id   1UUM
#
_cell.length_a   133.150
_cell.length_b   133.150
_cell.length_c   50.130
_cell.angle_alpha   90.00
_cell.angle_beta   90.00
_cell.angle_gamma   120.00
#
_symmetry.space_group_name_H-M   'P 3'
#
loop_
_entity.id
_entity.type
_entity.pdbx_description
1 polymer 'DIHYDROOROTATE DEHYDROGENASE'
2 non-polymer 'FLAVIN MONONUCLEOTIDE'
3 non-polymer 'OROTIC ACID'
4 non-polymer 2-[4-(4-CHLOROPHENYL)CYCLOHEXYLIDENE]-3,4-DIHYDROXY-1(2H)-NAPHTHALENONE
5 non-polymer 'octyl beta-D-glucopyranoside'
6 water water
#
_entity_poly.entity_id   1
_entity_poly.type   'polypeptide(L)'
_entity_poly.pdbx_seq_one_letter_code
;HHHHHHATGDDHFYAEYLMPGLQRLLDPESAHRLAVRVTSLGLLPRATFQDSDMLEVKVLGHKFRNPVGIAAGFDKNGEA
VDGLYKLGFGFVEVGSVTPQPQEGNPRPRVFRLPEDQAVINRYGFNSHGLSVVEHRLRARQQKQAQLTADGLPLGINLGK
NKTSEDAAADYAEGVRTLGPLADYLVVNVSSPNTAGLRSLQGKTELRHLLSKVLQERDALKGTRKPAVLVKIAPDLTAQD
KEDIASVARELGIDGLIVTNTTVSRPVGLQGALRSETGGLSGKPLRDLSTQTIREMYALTQGRIPIIGVGGVSSGQDALE
KIQAGASLVQLYTALIFLGPPVVVRVKRELEALLKERGFTTVTDAIGADHRR
;
_entity_poly.pdbx_strand_id   A,B
#
loop_
_chem_comp.id
_chem_comp.type
_chem_comp.name
_chem_comp.formula
AFI non-polymer 2-[4-(4-CHLOROPHENYL)CYCLOHEXYLIDENE]-3,4-DIHYDROXY-1(2H)-NAPHTHALENONE 'C22 H19 Cl O3'
BOG D-saccharide 'octyl beta-D-glucopyranoside' 'C14 H28 O6'
FMN non-polymer 'FLAVIN MONONUCLEOTIDE' 'C17 H21 N4 O9 P'
ORO non-polymer 'OROTIC ACID' 'C5 H4 N2 O4'
#
# COMPACT_ATOMS: atom_id res chain seq x y z
N TYR A 14 -11.49 5.35 -75.07
CA TYR A 14 -12.74 4.57 -74.90
C TYR A 14 -12.94 4.13 -73.46
N ALA A 15 -11.91 4.35 -72.63
CA ALA A 15 -11.96 3.99 -71.22
C ALA A 15 -13.27 4.46 -70.61
N GLU A 16 -13.42 5.78 -70.47
CA GLU A 16 -14.66 6.34 -69.94
C GLU A 16 -15.70 6.05 -71.01
N TYR A 17 -16.97 6.29 -70.71
CA TYR A 17 -18.04 6.02 -71.66
C TYR A 17 -18.37 4.52 -71.67
N LEU A 18 -17.37 3.68 -71.91
CA LEU A 18 -17.58 2.24 -71.92
C LEU A 18 -17.61 1.68 -70.51
N MET A 19 -16.61 2.07 -69.71
CA MET A 19 -16.51 1.58 -68.35
C MET A 19 -17.75 1.89 -67.50
N PRO A 20 -18.32 3.10 -67.63
CA PRO A 20 -19.51 3.40 -66.84
C PRO A 20 -20.63 2.41 -67.17
N GLY A 21 -20.71 2.04 -68.44
CA GLY A 21 -21.73 1.09 -68.86
C GLY A 21 -21.51 -0.27 -68.25
N LEU A 22 -20.32 -0.82 -68.47
CA LEU A 22 -19.96 -2.13 -67.95
C LEU A 22 -20.28 -2.25 -66.46
N GLN A 23 -19.99 -1.20 -65.71
CA GLN A 23 -20.26 -1.19 -64.28
C GLN A 23 -21.71 -1.57 -63.98
N ARG A 24 -22.63 -0.94 -64.71
CA ARG A 24 -24.05 -1.16 -64.52
C ARG A 24 -24.52 -2.57 -64.92
N LEU A 25 -23.80 -3.18 -65.85
CA LEU A 25 -24.14 -4.52 -66.33
C LEU A 25 -23.48 -5.64 -65.52
N LEU A 26 -22.69 -5.28 -64.52
CA LEU A 26 -22.00 -6.29 -63.73
C LEU A 26 -22.37 -6.33 -62.26
N ASP A 27 -22.18 -7.48 -61.63
CA ASP A 27 -22.43 -7.60 -60.19
C ASP A 27 -21.26 -6.84 -59.58
N PRO A 28 -21.45 -6.29 -58.37
CA PRO A 28 -20.37 -5.52 -57.71
C PRO A 28 -18.98 -6.17 -57.61
N GLU A 29 -18.91 -7.47 -57.33
CA GLU A 29 -17.58 -8.09 -57.24
C GLU A 29 -16.89 -8.13 -58.60
N SER A 30 -17.63 -8.53 -59.63
CA SER A 30 -17.07 -8.57 -60.99
C SER A 30 -16.61 -7.17 -61.38
N ALA A 31 -17.41 -6.16 -61.04
CA ALA A 31 -17.08 -4.78 -61.36
C ALA A 31 -15.81 -4.36 -60.62
N HIS A 32 -15.63 -4.88 -59.41
CA HIS A 32 -14.45 -4.61 -58.61
C HIS A 32 -13.20 -5.14 -59.30
N ARG A 33 -13.24 -6.42 -59.66
CA ARG A 33 -12.10 -7.06 -60.32
C ARG A 33 -11.76 -6.43 -61.68
N LEU A 34 -12.78 -6.01 -62.43
CA LEU A 34 -12.54 -5.38 -63.72
C LEU A 34 -11.88 -4.03 -63.51
N ALA A 35 -12.33 -3.30 -62.48
CA ALA A 35 -11.77 -1.99 -62.18
C ALA A 35 -10.29 -2.11 -61.85
N VAL A 36 -9.92 -3.12 -61.07
CA VAL A 36 -8.53 -3.31 -60.72
C VAL A 36 -7.74 -3.58 -62.00
N ARG A 37 -8.26 -4.46 -62.85
CA ARG A 37 -7.60 -4.77 -64.11
C ARG A 37 -7.45 -3.54 -65.00
N VAL A 38 -8.54 -2.85 -65.23
CA VAL A 38 -8.50 -1.65 -66.07
C VAL A 38 -7.47 -0.65 -65.54
N THR A 39 -7.43 -0.48 -64.22
CA THR A 39 -6.51 0.45 -63.58
C THR A 39 -5.05 0.03 -63.69
N SER A 40 -4.77 -1.26 -63.50
CA SER A 40 -3.39 -1.73 -63.59
C SER A 40 -2.88 -1.62 -65.03
N LEU A 41 -3.76 -1.84 -66.00
CA LEU A 41 -3.39 -1.75 -67.41
C LEU A 41 -3.23 -0.30 -67.82
N GLY A 42 -3.53 0.62 -66.91
CA GLY A 42 -3.40 2.03 -67.21
C GLY A 42 -4.31 2.48 -68.34
N LEU A 43 -5.51 1.92 -68.41
CA LEU A 43 -6.47 2.26 -69.45
C LEU A 43 -7.21 3.56 -69.17
N LEU A 44 -7.20 4.01 -67.92
CA LEU A 44 -7.87 5.24 -67.56
C LEU A 44 -6.96 6.44 -67.80
N PRO A 45 -7.53 7.58 -68.19
CA PRO A 45 -6.74 8.79 -68.45
C PRO A 45 -5.96 9.24 -67.23
N ARG A 46 -4.72 9.65 -67.44
CA ARG A 46 -3.88 10.12 -66.34
C ARG A 46 -4.35 11.50 -65.91
N ALA A 47 -4.54 11.68 -64.61
CA ALA A 47 -4.99 12.97 -64.09
C ALA A 47 -3.97 14.05 -64.46
N THR A 48 -4.47 15.19 -64.94
CA THR A 48 -3.60 16.30 -65.32
C THR A 48 -3.43 17.27 -64.15
N PHE A 49 -4.40 17.27 -63.25
CA PHE A 49 -4.37 18.13 -62.07
C PHE A 49 -3.00 18.08 -61.40
N GLN A 50 -2.41 19.24 -61.15
CA GLN A 50 -1.12 19.31 -60.49
C GLN A 50 -1.33 19.62 -59.01
N ASP A 51 -0.73 18.80 -58.15
CA ASP A 51 -0.84 18.98 -56.71
C ASP A 51 -0.04 20.22 -56.30
N SER A 52 -0.73 21.23 -55.77
CA SER A 52 -0.06 22.46 -55.34
C SER A 52 0.66 22.25 -54.01
N ASP A 53 1.61 23.15 -53.71
CA ASP A 53 2.38 23.04 -52.48
C ASP A 53 1.52 23.05 -51.23
N MET A 54 0.37 23.70 -51.29
CA MET A 54 -0.49 23.79 -50.12
C MET A 54 -1.21 22.49 -49.76
N LEU A 55 -1.14 21.49 -50.64
CA LEU A 55 -1.80 20.22 -50.38
C LEU A 55 -0.83 19.19 -49.79
N GLU A 56 0.43 19.57 -49.69
CA GLU A 56 1.46 18.67 -49.15
C GLU A 56 1.35 18.46 -47.65
N VAL A 57 1.50 17.21 -47.23
CA VAL A 57 1.45 16.86 -45.82
C VAL A 57 2.67 16.03 -45.46
N LYS A 58 3.42 16.49 -44.47
CA LYS A 58 4.60 15.76 -43.99
C LYS A 58 4.17 15.08 -42.71
N VAL A 59 3.99 13.76 -42.77
CA VAL A 59 3.54 12.99 -41.61
C VAL A 59 4.00 11.55 -41.78
N LEU A 60 4.04 10.81 -40.68
CA LEU A 60 4.47 9.41 -40.71
C LEU A 60 5.89 9.23 -41.27
N GLY A 61 6.72 10.26 -41.14
CA GLY A 61 8.09 10.17 -41.63
C GLY A 61 8.21 10.32 -43.14
N HIS A 62 7.11 10.68 -43.79
CA HIS A 62 7.12 10.84 -45.23
C HIS A 62 6.45 12.13 -45.68
N LYS A 63 6.52 12.36 -46.99
CA LYS A 63 5.92 13.54 -47.59
C LYS A 63 4.81 13.08 -48.52
N PHE A 64 3.63 13.66 -48.36
CA PHE A 64 2.49 13.31 -49.21
C PHE A 64 2.13 14.51 -50.07
N ARG A 65 2.33 14.40 -51.39
CA ARG A 65 2.04 15.48 -52.33
C ARG A 65 0.64 16.03 -52.12
N ASN A 66 -0.31 15.13 -51.87
CA ASN A 66 -1.69 15.53 -51.61
C ASN A 66 -2.19 14.59 -50.50
N PRO A 67 -3.21 15.01 -49.74
CA PRO A 67 -3.75 14.20 -48.65
C PRO A 67 -4.83 13.18 -48.98
N VAL A 68 -5.04 12.91 -50.26
CA VAL A 68 -6.08 11.98 -50.67
C VAL A 68 -5.56 10.64 -51.18
N GLY A 69 -5.79 9.58 -50.42
CA GLY A 69 -5.33 8.28 -50.86
C GLY A 69 -6.47 7.31 -51.13
N ILE A 70 -6.12 6.14 -51.64
CA ILE A 70 -7.10 5.10 -51.93
C ILE A 70 -7.04 4.15 -50.72
N ALA A 71 -8.19 3.94 -50.09
CA ALA A 71 -8.26 3.07 -48.90
C ALA A 71 -7.92 1.61 -49.19
N ALA A 72 -7.55 0.89 -48.13
CA ALA A 72 -7.22 -0.52 -48.25
C ALA A 72 -8.47 -1.25 -48.74
N GLY A 73 -8.26 -2.33 -49.49
CA GLY A 73 -9.39 -3.09 -50.00
C GLY A 73 -9.73 -2.94 -51.46
N PHE A 74 -9.20 -1.92 -52.12
CA PHE A 74 -9.49 -1.78 -53.55
C PHE A 74 -8.49 -2.66 -54.26
N ASP A 75 -7.22 -2.37 -54.01
CA ASP A 75 -6.12 -3.13 -54.57
C ASP A 75 -5.54 -3.99 -53.43
N LYS A 76 -6.18 -5.13 -53.19
CA LYS A 76 -5.74 -6.03 -52.12
C LYS A 76 -4.40 -6.70 -52.41
N ASN A 77 -4.09 -6.90 -53.69
CA ASN A 77 -2.87 -7.60 -54.06
C ASN A 77 -1.76 -6.80 -54.74
N GLY A 78 -1.83 -5.47 -54.64
CA GLY A 78 -0.81 -4.61 -55.22
C GLY A 78 -0.63 -4.78 -56.72
N GLU A 79 -1.75 -4.88 -57.43
CA GLU A 79 -1.77 -5.06 -58.88
C GLU A 79 -1.98 -3.75 -59.65
N ALA A 80 -2.50 -2.73 -58.99
CA ALA A 80 -2.79 -1.48 -59.67
C ALA A 80 -2.24 -0.21 -59.04
N VAL A 81 -1.14 -0.36 -58.30
CA VAL A 81 -0.53 0.77 -57.62
C VAL A 81 -0.16 1.96 -58.52
N ASP A 82 0.60 1.71 -59.58
CA ASP A 82 1.01 2.78 -60.46
C ASP A 82 -0.19 3.43 -61.14
N GLY A 83 -1.19 2.62 -61.45
CA GLY A 83 -2.39 3.15 -62.06
C GLY A 83 -3.16 4.02 -61.09
N LEU A 84 -3.08 3.72 -59.79
CA LEU A 84 -3.82 4.50 -58.80
C LEU A 84 -3.15 5.86 -58.59
N TYR A 85 -1.83 5.89 -58.53
CA TYR A 85 -1.11 7.16 -58.39
C TYR A 85 -1.44 7.99 -59.62
N LYS A 86 -1.51 7.31 -60.76
CA LYS A 86 -1.81 7.94 -62.03
C LYS A 86 -3.19 8.59 -62.02
N LEU A 87 -4.08 8.08 -61.18
CA LEU A 87 -5.42 8.65 -61.08
C LEU A 87 -5.43 9.91 -60.22
N GLY A 88 -4.34 10.15 -59.50
CA GLY A 88 -4.27 11.36 -58.69
C GLY A 88 -4.17 11.16 -57.18
N PHE A 89 -4.19 9.91 -56.73
CA PHE A 89 -4.10 9.64 -55.30
C PHE A 89 -2.73 10.05 -54.75
N GLY A 90 -2.74 10.69 -53.59
CA GLY A 90 -1.50 11.13 -52.97
C GLY A 90 -0.75 9.98 -52.32
N PHE A 91 -1.44 8.86 -52.15
CA PHE A 91 -0.84 7.66 -51.58
C PHE A 91 -1.76 6.45 -51.78
N VAL A 92 -1.15 5.27 -51.78
CA VAL A 92 -1.88 4.03 -52.00
C VAL A 92 -1.64 3.05 -50.87
N GLU A 93 -2.71 2.40 -50.44
CA GLU A 93 -2.60 1.42 -49.39
C GLU A 93 -2.99 0.08 -49.99
N VAL A 94 -2.01 -0.81 -50.16
CA VAL A 94 -2.28 -2.11 -50.75
C VAL A 94 -3.18 -2.93 -49.82
N GLY A 95 -4.40 -3.21 -50.31
CA GLY A 95 -5.43 -3.95 -49.61
C GLY A 95 -4.89 -4.97 -48.65
N SER A 96 -5.70 -5.39 -47.67
CA SER A 96 -5.23 -6.35 -46.68
C SER A 96 -4.58 -7.58 -47.30
N VAL A 97 -3.37 -7.88 -46.84
CA VAL A 97 -2.62 -9.03 -47.33
C VAL A 97 -2.48 -10.06 -46.21
N THR A 98 -2.92 -11.28 -46.45
CA THR A 98 -2.80 -12.34 -45.44
C THR A 98 -1.54 -13.14 -45.75
N PRO A 99 -0.92 -13.77 -44.72
CA PRO A 99 0.30 -14.54 -44.96
C PRO A 99 0.14 -15.57 -46.08
N GLN A 100 -0.84 -16.46 -45.93
CA GLN A 100 -1.10 -17.47 -46.94
C GLN A 100 -2.27 -17.01 -47.79
N PRO A 101 -2.36 -17.52 -49.03
CA PRO A 101 -3.47 -17.12 -49.90
C PRO A 101 -4.75 -17.75 -49.34
N GLN A 102 -5.89 -17.09 -49.55
CA GLN A 102 -7.16 -17.64 -49.13
C GLN A 102 -8.24 -16.99 -49.97
N GLU A 103 -9.37 -17.67 -50.12
CA GLU A 103 -10.45 -17.17 -50.96
C GLU A 103 -11.47 -16.25 -50.30
N GLY A 104 -11.47 -16.21 -48.97
CA GLY A 104 -12.44 -15.38 -48.26
C GLY A 104 -13.78 -16.08 -48.13
N ASN A 105 -14.83 -15.31 -47.84
CA ASN A 105 -16.16 -15.89 -47.68
C ASN A 105 -16.79 -16.26 -49.02
N PRO A 106 -17.83 -17.11 -48.98
CA PRO A 106 -18.51 -17.54 -50.20
C PRO A 106 -19.35 -16.41 -50.80
N ARG A 107 -19.61 -16.49 -52.09
CA ARG A 107 -20.40 -15.48 -52.78
C ARG A 107 -21.87 -15.76 -52.60
N PRO A 108 -22.71 -14.71 -52.67
CA PRO A 108 -22.30 -13.32 -52.91
C PRO A 108 -21.77 -12.71 -51.62
N ARG A 109 -20.82 -11.79 -51.74
CA ARG A 109 -20.21 -11.17 -50.57
C ARG A 109 -20.00 -9.66 -50.74
N VAL A 110 -20.55 -9.09 -51.81
CA VAL A 110 -20.43 -7.66 -52.07
C VAL A 110 -21.79 -7.18 -52.58
N PHE A 111 -22.28 -6.08 -52.01
CA PHE A 111 -23.59 -5.58 -52.40
C PHE A 111 -23.63 -4.06 -52.52
N ARG A 112 -24.31 -3.58 -53.55
CA ARG A 112 -24.46 -2.14 -53.78
C ARG A 112 -25.78 -1.66 -53.20
N LEU A 113 -25.77 -0.48 -52.60
CA LEU A 113 -26.99 0.13 -52.06
C LEU A 113 -26.98 1.49 -52.76
N PRO A 114 -27.32 1.48 -54.05
CA PRO A 114 -27.39 2.64 -54.96
C PRO A 114 -28.02 3.88 -54.34
N GLU A 115 -29.24 3.72 -53.85
CA GLU A 115 -29.99 4.82 -53.25
C GLU A 115 -29.27 5.45 -52.06
N ASP A 116 -28.41 4.68 -51.39
CA ASP A 116 -27.68 5.18 -50.22
C ASP A 116 -26.23 5.53 -50.52
N GLN A 117 -25.79 5.25 -51.75
CA GLN A 117 -24.42 5.51 -52.14
C GLN A 117 -23.54 4.78 -51.14
N ALA A 118 -23.93 3.55 -50.88
CA ALA A 118 -23.24 2.70 -49.94
C ALA A 118 -23.00 1.31 -50.52
N VAL A 119 -22.07 0.61 -49.89
CA VAL A 119 -21.75 -0.75 -50.27
C VAL A 119 -21.63 -1.56 -48.98
N ILE A 120 -21.95 -2.85 -49.08
CA ILE A 120 -21.83 -3.75 -47.94
C ILE A 120 -20.97 -4.88 -48.43
N ASN A 121 -19.92 -5.21 -47.68
CA ASN A 121 -19.09 -6.32 -48.11
C ASN A 121 -18.71 -7.24 -46.97
N ARG A 122 -18.53 -8.51 -47.31
CA ARG A 122 -18.09 -9.51 -46.35
C ARG A 122 -17.15 -10.40 -47.16
N TYR A 123 -16.17 -9.75 -47.78
CA TYR A 123 -15.18 -10.44 -48.59
C TYR A 123 -14.49 -11.51 -47.76
N GLY A 124 -14.10 -11.14 -46.54
CA GLY A 124 -13.43 -12.08 -45.66
C GLY A 124 -11.93 -12.20 -45.91
N PHE A 125 -11.30 -11.12 -46.34
CA PHE A 125 -9.86 -11.11 -46.58
C PHE A 125 -9.41 -12.01 -47.72
N ASN A 126 -10.11 -12.00 -48.86
CA ASN A 126 -9.65 -12.81 -49.97
C ASN A 126 -8.30 -12.20 -50.33
N SER A 127 -7.25 -13.01 -50.36
CA SER A 127 -5.92 -12.51 -50.64
C SER A 127 -5.03 -13.47 -51.44
N HIS A 128 -4.09 -12.92 -52.20
CA HIS A 128 -3.15 -13.71 -52.97
C HIS A 128 -2.04 -14.22 -52.05
N GLY A 129 -1.91 -13.61 -50.87
CA GLY A 129 -0.88 -14.03 -49.93
C GLY A 129 0.41 -13.23 -50.02
N LEU A 130 1.23 -13.30 -48.97
CA LEU A 130 2.49 -12.57 -48.93
C LEU A 130 3.46 -12.87 -50.08
N SER A 131 3.73 -14.14 -50.35
CA SER A 131 4.68 -14.50 -51.42
C SER A 131 4.38 -13.80 -52.72
N VAL A 132 3.15 -13.92 -53.19
CA VAL A 132 2.72 -13.29 -54.42
C VAL A 132 2.81 -11.76 -54.36
N VAL A 133 2.20 -11.16 -53.36
CA VAL A 133 2.23 -9.70 -53.23
C VAL A 133 3.66 -9.19 -53.08
N GLU A 134 4.48 -9.95 -52.37
CA GLU A 134 5.86 -9.58 -52.16
C GLU A 134 6.57 -9.58 -53.53
N HIS A 135 6.32 -10.60 -54.34
CA HIS A 135 6.93 -10.68 -55.68
C HIS A 135 6.52 -9.45 -56.51
N ARG A 136 5.23 -9.16 -56.54
CA ARG A 136 4.72 -8.02 -57.30
C ARG A 136 5.34 -6.70 -56.91
N LEU A 137 5.38 -6.44 -55.61
CA LEU A 137 5.91 -5.18 -55.12
C LEU A 137 7.41 -5.05 -55.30
N ARG A 138 8.15 -6.15 -55.16
CA ARG A 138 9.60 -6.04 -55.34
C ARG A 138 9.91 -5.82 -56.81
N ALA A 139 9.08 -6.34 -57.69
CA ALA A 139 9.31 -6.17 -59.12
C ALA A 139 9.27 -4.68 -59.48
N ARG A 140 8.64 -3.86 -58.63
CA ARG A 140 8.52 -2.43 -58.88
C ARG A 140 9.12 -1.56 -57.76
N GLN A 141 10.01 -2.15 -56.97
CA GLN A 141 10.62 -1.45 -55.85
C GLN A 141 11.35 -0.17 -56.23
N GLN A 142 12.08 -0.20 -57.33
CA GLN A 142 12.84 0.97 -57.78
C GLN A 142 11.87 2.09 -58.14
N LYS A 143 10.85 1.72 -58.91
CA LYS A 143 9.84 2.66 -59.33
C LYS A 143 9.19 3.31 -58.10
N GLN A 144 8.86 2.49 -57.12
CA GLN A 144 8.23 2.99 -55.90
C GLN A 144 9.17 3.89 -55.11
N ALA A 145 10.45 3.54 -55.06
CA ALA A 145 11.43 4.35 -54.33
C ALA A 145 11.42 5.78 -54.87
N GLN A 146 11.24 5.91 -56.18
CA GLN A 146 11.20 7.23 -56.79
C GLN A 146 9.86 7.91 -56.49
N LEU A 147 8.78 7.16 -56.60
CA LEU A 147 7.45 7.70 -56.32
C LEU A 147 7.41 8.22 -54.88
N THR A 148 7.90 7.42 -53.96
CA THR A 148 7.95 7.78 -52.55
C THR A 148 8.75 9.07 -52.39
N ALA A 149 9.94 9.10 -52.99
CA ALA A 149 10.79 10.29 -52.92
C ALA A 149 10.06 11.51 -53.48
N ASP A 150 9.18 11.31 -54.45
CA ASP A 150 8.43 12.42 -55.01
C ASP A 150 7.14 12.72 -54.26
N GLY A 151 7.01 12.19 -53.05
CA GLY A 151 5.82 12.45 -52.25
C GLY A 151 4.59 11.61 -52.57
N LEU A 152 4.79 10.36 -52.98
CA LEU A 152 3.68 9.47 -53.28
C LEU A 152 3.95 8.15 -52.56
N PRO A 153 3.75 8.14 -51.23
CA PRO A 153 3.96 6.98 -50.34
C PRO A 153 3.12 5.75 -50.60
N LEU A 154 3.68 4.61 -50.23
CA LEU A 154 3.01 3.32 -50.39
C LEU A 154 2.75 2.69 -49.03
N GLY A 155 1.47 2.47 -48.75
CA GLY A 155 1.10 1.86 -47.48
C GLY A 155 0.66 0.42 -47.72
N ILE A 156 0.97 -0.45 -46.77
CA ILE A 156 0.60 -1.85 -46.89
C ILE A 156 -0.12 -2.29 -45.64
N ASN A 157 -1.36 -2.73 -45.84
CA ASN A 157 -2.23 -3.18 -44.77
C ASN A 157 -2.05 -4.69 -44.58
N LEU A 158 -1.64 -5.09 -43.38
CA LEU A 158 -1.41 -6.50 -43.09
C LEU A 158 -2.58 -7.16 -42.40
N GLY A 159 -2.99 -8.31 -42.94
CA GLY A 159 -4.11 -9.03 -42.34
C GLY A 159 -3.68 -10.38 -41.79
N LYS A 160 -4.64 -11.16 -41.30
CA LYS A 160 -4.32 -12.49 -40.77
C LYS A 160 -5.19 -13.55 -41.41
N ASN A 161 -4.65 -14.76 -41.55
CA ASN A 161 -5.43 -15.85 -42.13
C ASN A 161 -6.62 -16.24 -41.26
N LYS A 162 -7.70 -16.65 -41.89
CA LYS A 162 -8.92 -17.03 -41.18
C LYS A 162 -8.73 -18.08 -40.09
N THR A 163 -8.09 -19.19 -40.44
CA THR A 163 -7.88 -20.27 -39.48
C THR A 163 -6.60 -20.12 -38.67
N SER A 164 -6.07 -18.92 -38.63
CA SER A 164 -4.84 -18.66 -37.89
C SER A 164 -5.05 -18.57 -36.38
N GLU A 165 -4.15 -19.17 -35.62
CA GLU A 165 -4.22 -19.17 -34.15
C GLU A 165 -3.63 -17.91 -33.53
N ASP A 166 -2.40 -17.58 -33.92
CA ASP A 166 -1.74 -16.40 -33.39
C ASP A 166 -1.83 -15.22 -34.34
N ALA A 167 -2.74 -14.29 -34.04
CA ALA A 167 -2.92 -13.10 -34.87
C ALA A 167 -1.60 -12.35 -34.95
N ALA A 168 -0.95 -12.18 -33.80
CA ALA A 168 0.32 -11.47 -33.73
C ALA A 168 1.40 -12.11 -34.59
N ALA A 169 1.40 -13.45 -34.68
CA ALA A 169 2.38 -14.14 -35.49
C ALA A 169 2.17 -13.82 -36.97
N ASP A 170 0.90 -13.78 -37.37
CA ASP A 170 0.55 -13.46 -38.75
C ASP A 170 0.99 -12.05 -39.11
N TYR A 171 0.67 -11.11 -38.23
CA TYR A 171 1.03 -9.71 -38.46
C TYR A 171 2.54 -9.54 -38.53
N ALA A 172 3.26 -10.20 -37.63
CA ALA A 172 4.71 -10.13 -37.61
C ALA A 172 5.28 -10.66 -38.92
N GLU A 173 4.75 -11.79 -39.40
CA GLU A 173 5.23 -12.35 -40.66
C GLU A 173 5.00 -11.33 -41.77
N GLY A 174 3.88 -10.63 -41.68
CA GLY A 174 3.56 -9.61 -42.67
C GLY A 174 4.54 -8.46 -42.59
N VAL A 175 5.00 -8.16 -41.37
CA VAL A 175 5.95 -7.07 -41.17
C VAL A 175 7.33 -7.42 -41.73
N ARG A 176 7.80 -8.63 -41.44
CA ARG A 176 9.10 -9.07 -41.94
C ARG A 176 9.11 -9.18 -43.46
N THR A 177 8.00 -9.69 -44.01
CA THR A 177 7.90 -9.89 -45.45
C THR A 177 7.67 -8.65 -46.30
N LEU A 178 6.67 -7.84 -45.95
CA LEU A 178 6.40 -6.65 -46.76
C LEU A 178 6.96 -5.34 -46.20
N GLY A 179 7.29 -5.34 -44.91
CA GLY A 179 7.84 -4.14 -44.29
C GLY A 179 8.97 -3.51 -45.08
N PRO A 180 9.91 -4.31 -45.62
CA PRO A 180 11.02 -3.74 -46.40
C PRO A 180 10.59 -2.93 -47.62
N LEU A 181 9.35 -3.14 -48.08
CA LEU A 181 8.85 -2.44 -49.26
C LEU A 181 7.83 -1.35 -48.96
N ALA A 182 7.42 -1.24 -47.71
CA ALA A 182 6.41 -0.24 -47.34
C ALA A 182 6.93 1.06 -46.73
N ASP A 183 6.18 2.13 -46.92
CA ASP A 183 6.53 3.42 -46.34
C ASP A 183 5.80 3.45 -44.99
N TYR A 184 4.67 2.74 -44.93
CA TYR A 184 3.94 2.58 -43.68
C TYR A 184 3.18 1.25 -43.70
N LEU A 185 2.91 0.73 -42.52
CA LEU A 185 2.21 -0.55 -42.36
C LEU A 185 0.96 -0.38 -41.50
N VAL A 186 -0.08 -1.13 -41.83
CA VAL A 186 -1.32 -1.05 -41.08
C VAL A 186 -1.76 -2.41 -40.54
N VAL A 187 -2.26 -2.39 -39.31
CA VAL A 187 -2.76 -3.59 -38.66
C VAL A 187 -4.19 -3.29 -38.22
N ASN A 188 -5.14 -4.09 -38.71
CA ASN A 188 -6.54 -3.90 -38.34
C ASN A 188 -6.89 -4.54 -37.01
N VAL A 189 -7.87 -3.94 -36.37
CA VAL A 189 -8.43 -4.41 -35.12
C VAL A 189 -9.87 -4.04 -35.43
N SER A 190 -10.14 -3.94 -36.74
CA SER A 190 -11.44 -3.52 -37.26
C SER A 190 -12.11 -4.26 -38.41
N SER A 191 -11.42 -5.19 -39.08
CA SER A 191 -12.02 -5.91 -40.21
C SER A 191 -13.52 -6.19 -40.04
N GLN A 201 -11.01 -10.57 -25.59
CA GLN A 201 -9.87 -9.69 -25.81
C GLN A 201 -10.06 -8.37 -25.07
N GLY A 202 -9.01 -7.90 -24.43
CA GLY A 202 -9.07 -6.64 -23.70
C GLY A 202 -7.90 -5.74 -24.05
N LYS A 203 -7.75 -4.66 -23.30
CA LYS A 203 -6.67 -3.71 -23.51
C LYS A 203 -5.32 -4.42 -23.43
N THR A 204 -5.27 -5.48 -22.62
CA THR A 204 -4.06 -6.26 -22.43
C THR A 204 -3.59 -6.98 -23.70
N GLU A 205 -4.49 -7.73 -24.31
CA GLU A 205 -4.15 -8.47 -25.53
C GLU A 205 -3.84 -7.53 -26.69
N LEU A 206 -4.49 -6.36 -26.69
CA LEU A 206 -4.26 -5.37 -27.73
C LEU A 206 -2.84 -4.81 -27.57
N ARG A 207 -2.46 -4.51 -26.33
CA ARG A 207 -1.14 -3.98 -26.06
C ARG A 207 -0.06 -4.98 -26.50
N HIS A 208 -0.23 -6.24 -26.12
CA HIS A 208 0.72 -7.29 -26.46
C HIS A 208 0.83 -7.56 -27.97
N LEU A 209 -0.31 -7.52 -28.66
CA LEU A 209 -0.33 -7.75 -30.10
C LEU A 209 0.43 -6.63 -30.81
N LEU A 210 0.17 -5.39 -30.41
CA LEU A 210 0.83 -4.25 -31.04
C LEU A 210 2.31 -4.18 -30.67
N SER A 211 2.64 -4.50 -29.42
CA SER A 211 4.03 -4.46 -29.01
C SER A 211 4.85 -5.42 -29.86
N LYS A 212 4.28 -6.58 -30.17
CA LYS A 212 5.01 -7.55 -31.00
C LYS A 212 5.15 -7.06 -32.43
N VAL A 213 4.15 -6.32 -32.91
CA VAL A 213 4.19 -5.78 -34.26
C VAL A 213 5.31 -4.74 -34.35
N LEU A 214 5.33 -3.83 -33.37
CA LEU A 214 6.34 -2.77 -33.33
C LEU A 214 7.73 -3.35 -33.17
N GLN A 215 7.83 -4.41 -32.38
CA GLN A 215 9.09 -5.07 -32.12
C GLN A 215 9.61 -5.67 -33.42
N GLU A 216 8.71 -6.25 -34.21
CA GLU A 216 9.09 -6.85 -35.48
C GLU A 216 9.52 -5.74 -36.44
N ARG A 217 8.84 -4.59 -36.34
CA ARG A 217 9.16 -3.45 -37.19
C ARG A 217 10.55 -2.91 -36.87
N ASP A 218 10.84 -2.76 -35.57
CA ASP A 218 12.15 -2.26 -35.14
C ASP A 218 13.28 -3.24 -35.50
N ALA A 219 12.92 -4.50 -35.71
CA ALA A 219 13.92 -5.52 -36.04
C ALA A 219 14.25 -5.56 -37.52
N LEU A 220 13.55 -4.76 -38.32
CA LEU A 220 13.78 -4.70 -39.76
C LEU A 220 15.16 -4.10 -40.04
N LYS A 221 15.81 -4.61 -41.08
CA LYS A 221 17.12 -4.14 -41.49
C LYS A 221 16.97 -2.78 -42.18
N GLY A 222 18.01 -1.96 -42.10
CA GLY A 222 17.93 -0.66 -42.76
C GLY A 222 17.71 0.56 -41.90
N THR A 223 17.73 1.72 -42.55
CA THR A 223 17.54 3.01 -41.89
C THR A 223 16.09 3.48 -41.90
N ARG A 224 15.45 3.38 -43.06
CA ARG A 224 14.06 3.81 -43.21
C ARG A 224 13.06 2.78 -42.70
N LYS A 225 12.74 2.85 -41.40
CA LYS A 225 11.79 1.93 -40.80
C LYS A 225 10.38 2.46 -41.07
N PRO A 226 9.53 1.64 -41.70
CA PRO A 226 8.17 2.12 -41.97
C PRO A 226 7.36 2.41 -40.71
N ALA A 227 6.47 3.38 -40.80
CA ALA A 227 5.61 3.76 -39.68
C ALA A 227 4.57 2.65 -39.48
N VAL A 228 4.04 2.48 -38.27
CA VAL A 228 3.04 1.45 -38.00
C VAL A 228 1.74 2.09 -37.52
N LEU A 229 0.66 1.84 -38.26
CA LEU A 229 -0.64 2.41 -37.92
C LEU A 229 -1.62 1.33 -37.50
N VAL A 230 -2.61 1.72 -36.70
CA VAL A 230 -3.64 0.79 -36.26
C VAL A 230 -4.94 1.29 -36.88
N LYS A 231 -5.66 0.39 -37.56
CA LYS A 231 -6.92 0.74 -38.20
C LYS A 231 -8.05 0.21 -37.36
N ILE A 232 -8.95 1.10 -36.99
CA ILE A 232 -10.09 0.74 -36.15
C ILE A 232 -11.45 0.91 -36.83
N ALA A 233 -12.41 0.14 -36.33
CA ALA A 233 -13.77 0.20 -36.83
C ALA A 233 -14.45 1.33 -36.08
N PRO A 234 -15.62 1.75 -36.55
CA PRO A 234 -16.37 2.82 -35.89
C PRO A 234 -17.26 2.22 -34.80
N ASP A 235 -17.31 0.88 -34.76
CA ASP A 235 -18.13 0.17 -33.79
C ASP A 235 -17.30 -0.10 -32.53
N LEU A 236 -17.21 0.90 -31.66
CA LEU A 236 -16.44 0.78 -30.45
C LEU A 236 -17.18 1.35 -29.25
N THR A 237 -17.06 0.68 -28.12
CA THR A 237 -17.71 1.13 -26.91
C THR A 237 -16.86 2.31 -26.41
N ALA A 238 -17.38 3.05 -25.43
CA ALA A 238 -16.63 4.18 -24.89
C ALA A 238 -15.30 3.65 -24.35
N GLN A 239 -15.33 2.46 -23.78
CA GLN A 239 -14.14 1.84 -23.20
C GLN A 239 -13.11 1.48 -24.28
N ASP A 240 -13.58 0.91 -25.40
CA ASP A 240 -12.68 0.53 -26.49
C ASP A 240 -11.87 1.73 -26.97
N LYS A 241 -12.56 2.85 -27.19
CA LYS A 241 -11.89 4.05 -27.67
C LYS A 241 -10.80 4.55 -26.73
N GLU A 242 -11.07 4.48 -25.43
CA GLU A 242 -10.10 4.92 -24.43
C GLU A 242 -8.92 3.96 -24.38
N ASP A 243 -9.19 2.66 -24.43
CA ASP A 243 -8.13 1.67 -24.39
C ASP A 243 -7.22 1.78 -25.62
N ILE A 244 -7.81 1.97 -26.79
CA ILE A 244 -7.02 2.09 -28.02
C ILE A 244 -6.12 3.33 -27.94
N ALA A 245 -6.72 4.46 -27.54
CA ALA A 245 -5.97 5.71 -27.41
C ALA A 245 -4.81 5.53 -26.42
N SER A 246 -5.11 4.92 -25.28
CA SER A 246 -4.12 4.68 -24.23
C SER A 246 -2.99 3.77 -24.69
N VAL A 247 -3.33 2.64 -25.28
CA VAL A 247 -2.31 1.72 -25.78
C VAL A 247 -1.51 2.36 -26.91
N ALA A 248 -2.19 3.10 -27.79
CA ALA A 248 -1.50 3.76 -28.89
C ALA A 248 -0.50 4.78 -28.36
N ARG A 249 -0.94 5.55 -27.36
CA ARG A 249 -0.12 6.58 -26.74
C ARG A 249 1.03 5.93 -25.97
N GLU A 250 0.73 4.84 -25.27
CA GLU A 250 1.71 4.11 -24.48
C GLU A 250 2.82 3.44 -25.29
N LEU A 251 2.44 2.74 -26.35
CA LEU A 251 3.44 2.04 -27.16
C LEU A 251 4.14 2.93 -28.19
N GLY A 252 3.58 4.10 -28.46
CA GLY A 252 4.20 4.98 -29.43
C GLY A 252 3.82 4.61 -30.86
N ILE A 253 2.60 4.14 -31.05
CA ILE A 253 2.12 3.78 -32.39
C ILE A 253 2.25 5.05 -33.25
N ASP A 254 2.57 4.88 -34.53
CA ASP A 254 2.77 6.03 -35.40
C ASP A 254 1.52 6.70 -35.91
N GLY A 255 0.39 6.01 -35.87
CA GLY A 255 -0.83 6.63 -36.35
C GLY A 255 -2.05 5.74 -36.23
N LEU A 256 -3.19 6.29 -36.60
CA LEU A 256 -4.44 5.56 -36.54
C LEU A 256 -5.16 5.83 -37.84
N ILE A 257 -5.76 4.78 -38.40
CA ILE A 257 -6.53 4.95 -39.61
C ILE A 257 -7.90 4.84 -39.02
N VAL A 258 -8.64 5.93 -39.07
CA VAL A 258 -9.92 5.89 -38.42
C VAL A 258 -11.13 5.64 -39.24
N THR A 259 -11.57 4.41 -38.98
CA THR A 259 -12.74 3.77 -39.49
C THR A 259 -12.75 2.92 -40.72
N ASN A 260 -12.87 1.64 -40.41
CA ASN A 260 -13.00 0.58 -41.36
C ASN A 260 -14.52 0.65 -41.54
N THR A 261 -15.13 -0.38 -42.13
CA THR A 261 -16.57 -0.37 -42.32
C THR A 261 -17.34 -0.64 -41.02
N THR A 262 -18.65 -0.37 -41.02
CA THR A 262 -19.48 -0.59 -39.83
C THR A 262 -20.51 -1.72 -40.02
N VAL A 263 -20.77 -2.50 -38.95
CA VAL A 263 -21.75 -3.57 -39.02
C VAL A 263 -23.15 -3.06 -38.72
N SER A 264 -23.28 -1.75 -38.49
CA SER A 264 -24.59 -1.21 -38.20
C SER A 264 -25.32 -0.88 -39.50
N ARG A 265 -26.64 -0.81 -39.43
CA ARG A 265 -27.46 -0.51 -40.58
C ARG A 265 -28.38 0.61 -40.12
N PRO A 266 -28.02 1.86 -40.42
CA PRO A 266 -28.81 3.04 -40.05
C PRO A 266 -30.26 2.98 -40.49
N VAL A 267 -31.15 3.52 -39.65
CA VAL A 267 -32.56 3.59 -39.98
C VAL A 267 -32.58 4.50 -41.20
N GLY A 268 -33.42 4.23 -42.18
CA GLY A 268 -33.40 5.11 -43.33
C GLY A 268 -32.59 4.62 -44.52
N LEU A 269 -31.90 3.49 -44.36
CA LEU A 269 -31.17 2.95 -45.51
C LEU A 269 -32.28 2.50 -46.45
N GLN A 270 -32.13 2.79 -47.75
CA GLN A 270 -33.16 2.42 -48.70
C GLN A 270 -32.80 1.26 -49.60
N GLY A 271 -31.53 0.89 -49.62
CA GLY A 271 -31.10 -0.23 -50.44
C GLY A 271 -31.79 -1.50 -49.99
N ALA A 272 -32.37 -2.23 -50.94
CA ALA A 272 -33.06 -3.46 -50.61
C ALA A 272 -32.12 -4.48 -49.95
N LEU A 273 -30.83 -4.37 -50.23
CA LEU A 273 -29.87 -5.30 -49.67
C LEU A 273 -29.29 -4.90 -48.31
N ARG A 274 -29.92 -3.93 -47.65
CA ARG A 274 -29.47 -3.44 -46.34
C ARG A 274 -29.44 -4.50 -45.23
N SER A 275 -30.25 -5.54 -45.35
CA SER A 275 -30.29 -6.58 -44.32
C SER A 275 -29.10 -7.53 -44.37
N GLU A 276 -28.33 -7.49 -45.47
CA GLU A 276 -27.16 -8.35 -45.62
C GLU A 276 -26.08 -8.12 -44.57
N THR A 277 -25.41 -9.20 -44.18
CA THR A 277 -24.33 -9.16 -43.20
C THR A 277 -23.07 -8.61 -43.85
N GLY A 278 -22.18 -8.04 -43.03
CA GLY A 278 -20.94 -7.48 -43.56
C GLY A 278 -20.69 -6.04 -43.14
N GLY A 279 -19.68 -5.43 -43.72
CA GLY A 279 -19.35 -4.05 -43.38
C GLY A 279 -19.90 -3.03 -44.35
N LEU A 280 -20.56 -2.00 -43.80
CA LEU A 280 -21.16 -0.93 -44.59
C LEU A 280 -20.18 0.23 -44.79
N SER A 281 -20.08 0.71 -46.03
CA SER A 281 -19.19 1.81 -46.37
C SER A 281 -19.94 2.86 -47.18
N GLY A 282 -19.23 3.93 -47.56
CA GLY A 282 -19.87 4.97 -48.34
C GLY A 282 -20.52 6.03 -47.48
N LYS A 283 -21.46 6.77 -48.09
CA LYS A 283 -22.14 7.87 -47.43
C LYS A 283 -22.71 7.66 -46.02
N PRO A 284 -23.39 6.53 -45.77
CA PRO A 284 -23.96 6.28 -44.44
C PRO A 284 -22.92 6.25 -43.32
N LEU A 285 -21.66 6.08 -43.70
CA LEU A 285 -20.57 6.01 -42.76
C LEU A 285 -19.84 7.36 -42.60
N ARG A 286 -20.15 8.30 -43.46
CA ARG A 286 -19.52 9.62 -43.48
C ARG A 286 -19.43 10.37 -42.14
N ASP A 287 -20.57 10.70 -41.55
CA ASP A 287 -20.55 11.44 -40.29
C ASP A 287 -20.14 10.61 -39.08
N LEU A 288 -20.49 9.33 -39.07
CA LEU A 288 -20.11 8.43 -37.98
C LEU A 288 -18.58 8.41 -37.92
N SER A 289 -17.97 8.26 -39.08
CA SER A 289 -16.52 8.21 -39.21
C SER A 289 -15.84 9.49 -38.71
N THR A 290 -16.37 10.63 -39.12
CA THR A 290 -15.81 11.91 -38.71
C THR A 290 -15.89 12.08 -37.20
N GLN A 291 -17.02 11.69 -36.63
CA GLN A 291 -17.21 11.80 -35.18
C GLN A 291 -16.18 10.94 -34.45
N THR A 292 -15.85 9.79 -35.03
CA THR A 292 -14.88 8.88 -34.42
C THR A 292 -13.49 9.49 -34.48
N ILE A 293 -13.23 10.26 -35.53
CA ILE A 293 -11.94 10.92 -35.69
C ILE A 293 -11.83 12.01 -34.62
N ARG A 294 -12.91 12.77 -34.42
CA ARG A 294 -12.92 13.82 -33.42
C ARG A 294 -12.60 13.24 -32.04
N GLU A 295 -13.26 12.15 -31.68
CA GLU A 295 -13.05 11.53 -30.39
C GLU A 295 -11.65 10.96 -30.18
N MET A 296 -11.13 10.24 -31.17
CA MET A 296 -9.80 9.64 -31.05
C MET A 296 -8.71 10.71 -31.00
N TYR A 297 -8.93 11.80 -31.73
CA TYR A 297 -7.98 12.90 -31.76
C TYR A 297 -7.92 13.51 -30.36
N ALA A 298 -9.08 13.76 -29.78
CA ALA A 298 -9.14 14.35 -28.44
C ALA A 298 -8.51 13.38 -27.43
N LEU A 299 -8.97 12.13 -27.45
CA LEU A 299 -8.44 11.11 -26.55
C LEU A 299 -6.93 10.95 -26.61
N THR A 300 -6.33 11.25 -27.77
CA THR A 300 -4.88 11.13 -27.93
C THR A 300 -4.22 12.51 -27.88
N GLN A 301 -5.03 13.52 -27.61
CA GLN A 301 -4.57 14.92 -27.50
C GLN A 301 -3.88 15.45 -28.75
N GLY A 302 -4.34 14.99 -29.91
CA GLY A 302 -3.77 15.43 -31.16
C GLY A 302 -2.33 15.01 -31.37
N ARG A 303 -1.82 14.14 -30.51
CA ARG A 303 -0.44 13.68 -30.61
C ARG A 303 -0.21 12.48 -31.52
N ILE A 304 -1.28 11.93 -32.09
CA ILE A 304 -1.14 10.76 -32.96
C ILE A 304 -1.80 10.97 -34.31
N PRO A 305 -0.99 11.04 -35.37
CA PRO A 305 -1.46 11.24 -36.75
C PRO A 305 -2.65 10.34 -37.07
N ILE A 306 -3.72 10.93 -37.59
CA ILE A 306 -4.89 10.13 -37.93
C ILE A 306 -5.18 10.21 -39.43
N ILE A 307 -5.44 9.06 -40.03
CA ILE A 307 -5.81 9.03 -41.45
C ILE A 307 -7.32 8.82 -41.39
N GLY A 308 -8.08 9.84 -41.78
CA GLY A 308 -9.53 9.77 -41.75
C GLY A 308 -10.12 9.10 -42.97
N VAL A 309 -11.08 8.22 -42.76
CA VAL A 309 -11.68 7.49 -43.87
C VAL A 309 -13.11 7.03 -43.56
N GLY A 310 -13.97 7.15 -44.57
CA GLY A 310 -15.36 6.77 -44.41
C GLY A 310 -16.33 7.75 -45.06
N GLY A 311 -16.98 7.33 -46.14
CA GLY A 311 -17.95 8.18 -46.81
C GLY A 311 -17.44 9.50 -47.37
N VAL A 312 -16.16 9.57 -47.72
CA VAL A 312 -15.62 10.80 -48.29
C VAL A 312 -15.96 10.82 -49.78
N SER A 313 -16.81 11.76 -50.20
CA SER A 313 -17.21 11.87 -51.60
C SER A 313 -16.93 13.24 -52.19
N SER A 314 -16.47 14.18 -51.37
CA SER A 314 -16.20 15.54 -51.84
C SER A 314 -15.07 16.20 -51.06
N GLY A 315 -14.56 17.31 -51.61
CA GLY A 315 -13.49 18.03 -50.92
C GLY A 315 -14.01 18.49 -49.56
N GLN A 316 -15.30 18.79 -49.51
CA GLN A 316 -15.96 19.22 -48.30
C GLN A 316 -15.86 18.12 -47.23
N ASP A 317 -16.18 16.89 -47.63
CA ASP A 317 -16.13 15.76 -46.70
C ASP A 317 -14.70 15.57 -46.20
N ALA A 318 -13.73 15.67 -47.10
CA ALA A 318 -12.33 15.51 -46.72
C ALA A 318 -11.92 16.58 -45.70
N LEU A 319 -12.35 17.82 -45.94
CA LEU A 319 -12.00 18.93 -45.07
C LEU A 319 -12.62 18.77 -43.68
N GLU A 320 -13.83 18.21 -43.64
CA GLU A 320 -14.48 18.00 -42.36
C GLU A 320 -13.66 17.03 -41.52
N LYS A 321 -13.10 16.02 -42.18
CA LYS A 321 -12.29 15.02 -41.50
C LYS A 321 -10.95 15.58 -41.07
N ILE A 322 -10.36 16.39 -41.94
CA ILE A 322 -9.08 17.00 -41.62
C ILE A 322 -9.30 17.93 -40.44
N GLN A 323 -10.37 18.74 -40.50
CA GLN A 323 -10.66 19.67 -39.41
C GLN A 323 -10.99 18.94 -38.12
N ALA A 324 -11.55 17.74 -38.21
CA ALA A 324 -11.87 16.97 -37.02
C ALA A 324 -10.62 16.32 -36.44
N GLY A 325 -9.53 16.28 -37.21
CA GLY A 325 -8.31 15.68 -36.69
C GLY A 325 -7.45 14.84 -37.63
N ALA A 326 -7.93 14.58 -38.84
CA ALA A 326 -7.17 13.78 -39.79
C ALA A 326 -6.05 14.56 -40.46
N SER A 327 -4.87 13.95 -40.54
CA SER A 327 -3.72 14.55 -41.21
C SER A 327 -3.80 14.19 -42.69
N LEU A 328 -4.45 13.07 -42.98
CA LEU A 328 -4.63 12.56 -44.34
C LEU A 328 -6.00 11.89 -44.41
N VAL A 329 -6.50 11.67 -45.61
CA VAL A 329 -7.78 11.00 -45.78
C VAL A 329 -7.67 9.94 -46.85
N GLN A 330 -8.66 9.06 -46.86
CA GLN A 330 -8.72 7.99 -47.84
C GLN A 330 -10.17 7.87 -48.26
N LEU A 331 -10.37 7.30 -49.44
CA LEU A 331 -11.71 7.08 -49.93
C LEU A 331 -11.67 5.81 -50.76
N TYR A 332 -12.81 5.17 -50.88
CA TYR A 332 -12.91 3.96 -51.65
C TYR A 332 -14.27 3.92 -52.34
N THR A 333 -15.32 3.78 -51.54
CA THR A 333 -16.68 3.68 -52.05
C THR A 333 -17.13 4.78 -53.01
N ALA A 334 -16.67 6.01 -52.80
CA ALA A 334 -17.07 7.11 -53.66
C ALA A 334 -16.63 6.83 -55.10
N LEU A 335 -15.48 6.19 -55.24
CA LEU A 335 -14.94 5.85 -56.55
C LEU A 335 -15.96 5.00 -57.30
N ILE A 336 -16.69 4.17 -56.56
CA ILE A 336 -17.70 3.29 -57.12
C ILE A 336 -18.94 4.03 -57.63
N PHE A 337 -19.37 5.06 -56.91
CA PHE A 337 -20.56 5.77 -57.34
C PHE A 337 -20.31 7.05 -58.12
N LEU A 338 -19.09 7.57 -58.05
CA LEU A 338 -18.78 8.79 -58.77
C LEU A 338 -17.73 8.57 -59.86
N GLY A 339 -17.09 7.41 -59.84
CA GLY A 339 -16.07 7.11 -60.82
C GLY A 339 -14.75 7.78 -60.53
N PRO A 340 -13.71 7.49 -61.32
CA PRO A 340 -12.34 8.02 -61.19
C PRO A 340 -12.26 9.55 -61.12
N PRO A 341 -13.23 10.26 -61.72
CA PRO A 341 -13.15 11.72 -61.65
C PRO A 341 -13.24 12.24 -60.21
N VAL A 342 -13.72 11.40 -59.29
CA VAL A 342 -13.87 11.82 -57.91
C VAL A 342 -12.55 12.17 -57.23
N VAL A 343 -11.46 11.52 -57.64
CA VAL A 343 -10.16 11.78 -57.02
C VAL A 343 -9.68 13.20 -57.19
N VAL A 344 -9.62 13.66 -58.43
CA VAL A 344 -9.19 15.01 -58.71
C VAL A 344 -10.23 15.99 -58.17
N ARG A 345 -11.51 15.66 -58.30
CA ARG A 345 -12.59 16.52 -57.83
C ARG A 345 -12.49 16.82 -56.34
N VAL A 346 -12.16 15.80 -55.55
CA VAL A 346 -12.04 15.98 -54.12
C VAL A 346 -10.84 16.89 -53.82
N LYS A 347 -9.72 16.67 -54.51
CA LYS A 347 -8.53 17.47 -54.30
C LYS A 347 -8.73 18.93 -54.69
N ARG A 348 -9.38 19.14 -55.83
CA ARG A 348 -9.63 20.48 -56.33
C ARG A 348 -10.54 21.25 -55.38
N GLU A 349 -11.61 20.61 -54.94
CA GLU A 349 -12.55 21.25 -54.03
C GLU A 349 -11.89 21.50 -52.68
N LEU A 350 -11.15 20.50 -52.20
CA LEU A 350 -10.44 20.62 -50.93
C LEU A 350 -9.52 21.84 -50.99
N GLU A 351 -8.85 22.01 -52.12
CA GLU A 351 -7.94 23.12 -52.31
C GLU A 351 -8.66 24.48 -52.26
N ALA A 352 -9.82 24.56 -52.90
CA ALA A 352 -10.60 25.80 -52.92
C ALA A 352 -11.26 26.07 -51.57
N LEU A 353 -11.65 25.01 -50.87
CA LEU A 353 -12.29 25.17 -49.56
C LEU A 353 -11.28 25.64 -48.53
N LEU A 354 -10.04 25.16 -48.65
CA LEU A 354 -9.00 25.58 -47.72
C LEU A 354 -8.77 27.09 -47.87
N LYS A 355 -8.57 27.55 -49.11
CA LYS A 355 -8.35 28.97 -49.36
C LYS A 355 -9.53 29.79 -48.84
N GLU A 356 -10.72 29.37 -49.24
CA GLU A 356 -11.96 30.02 -48.86
C GLU A 356 -12.14 30.13 -47.35
N ARG A 357 -11.62 29.16 -46.61
CA ARG A 357 -11.76 29.20 -45.16
C ARG A 357 -10.58 29.79 -44.40
N GLY A 358 -9.63 30.38 -45.13
CA GLY A 358 -8.50 31.00 -44.47
C GLY A 358 -7.28 30.14 -44.21
N PHE A 359 -7.29 28.88 -44.64
CA PHE A 359 -6.13 28.00 -44.43
C PHE A 359 -5.17 28.13 -45.61
N THR A 360 -3.93 28.52 -45.35
CA THR A 360 -2.97 28.66 -46.46
C THR A 360 -2.42 27.29 -46.89
N THR A 361 -2.51 26.30 -46.01
CA THR A 361 -2.08 24.95 -46.34
C THR A 361 -2.98 23.96 -45.62
N VAL A 362 -3.01 22.72 -46.12
CA VAL A 362 -3.82 21.67 -45.53
C VAL A 362 -3.40 21.47 -44.08
N THR A 363 -2.10 21.49 -43.85
CA THR A 363 -1.54 21.31 -42.51
C THR A 363 -2.15 22.21 -41.44
N ASP A 364 -2.48 23.45 -41.81
CA ASP A 364 -3.06 24.40 -40.85
C ASP A 364 -4.47 24.05 -40.43
N ALA A 365 -5.16 23.25 -41.24
CA ALA A 365 -6.53 22.86 -40.94
C ALA A 365 -6.62 21.60 -40.06
N ILE A 366 -5.55 20.79 -40.04
CA ILE A 366 -5.52 19.56 -39.25
C ILE A 366 -5.89 19.81 -37.79
N GLY A 367 -7.02 19.24 -37.36
CA GLY A 367 -7.46 19.41 -35.98
C GLY A 367 -8.06 20.77 -35.64
N ALA A 368 -8.30 21.58 -36.67
CA ALA A 368 -8.85 22.92 -36.50
C ALA A 368 -10.05 23.02 -35.56
N ASP A 369 -10.94 22.03 -35.59
CA ASP A 369 -12.11 22.03 -34.72
C ASP A 369 -11.75 21.94 -33.25
N HIS A 370 -10.53 21.49 -32.96
CA HIS A 370 -10.10 21.33 -31.58
C HIS A 370 -9.43 22.57 -30.99
N ARG A 371 -9.21 23.58 -31.84
CA ARG A 371 -8.62 24.83 -31.37
C ARG A 371 -9.77 25.81 -31.13
N ARG A 372 -10.13 25.97 -29.86
CA ARG A 372 -11.22 26.87 -29.49
C ARG A 372 -10.98 27.52 -28.14
N TYR B 14 -9.68 7.79 25.38
CA TYR B 14 -10.74 8.02 26.40
C TYR B 14 -10.31 7.52 27.78
N ALA B 15 -9.19 6.79 27.81
CA ALA B 15 -8.64 6.23 29.05
C ALA B 15 -8.66 7.32 30.12
N GLU B 16 -7.79 8.31 29.97
CA GLU B 16 -7.74 9.42 30.91
C GLU B 16 -9.05 10.17 30.72
N TYR B 17 -9.37 11.08 31.61
CA TYR B 17 -10.62 11.84 31.51
C TYR B 17 -11.76 11.01 32.09
N LEU B 18 -11.96 9.82 31.54
CA LEU B 18 -13.01 8.93 32.03
C LEU B 18 -12.58 8.24 33.31
N MET B 19 -11.39 7.65 33.29
CA MET B 19 -10.87 6.92 34.45
C MET B 19 -10.82 7.78 35.72
N PRO B 20 -10.39 9.05 35.62
CA PRO B 20 -10.35 9.86 36.83
C PRO B 20 -11.74 9.98 37.44
N GLY B 21 -12.75 10.08 36.58
CA GLY B 21 -14.12 10.19 37.05
C GLY B 21 -14.56 8.92 37.78
N LEU B 22 -14.43 7.79 37.09
CA LEU B 22 -14.81 6.50 37.66
C LEU B 22 -14.22 6.28 39.04
N GLN B 23 -12.97 6.68 39.22
CA GLN B 23 -12.28 6.52 40.49
C GLN B 23 -13.08 7.15 41.62
N ARG B 24 -13.54 8.37 41.38
CA ARG B 24 -14.29 9.14 42.37
C ARG B 24 -15.67 8.55 42.67
N LEU B 25 -16.23 7.83 41.70
CA LEU B 25 -17.54 7.22 41.84
C LEU B 25 -17.50 5.80 42.42
N LEU B 26 -16.31 5.31 42.71
CA LEU B 26 -16.18 3.95 43.22
C LEU B 26 -15.55 3.84 44.60
N ASP B 27 -15.83 2.74 45.28
CA ASP B 27 -15.24 2.48 46.60
C ASP B 27 -13.79 2.11 46.26
N PRO B 28 -12.85 2.34 47.18
CA PRO B 28 -11.45 2.01 46.90
C PRO B 28 -11.13 0.61 46.36
N GLU B 29 -11.75 -0.43 46.90
CA GLU B 29 -11.46 -1.77 46.41
C GLU B 29 -11.90 -1.94 44.96
N SER B 30 -13.12 -1.49 44.65
CA SER B 30 -13.64 -1.56 43.29
C SER B 30 -12.69 -0.79 42.36
N ALA B 31 -12.28 0.39 42.80
CA ALA B 31 -11.38 1.23 42.00
C ALA B 31 -10.05 0.50 41.78
N HIS B 32 -9.62 -0.26 42.78
CA HIS B 32 -8.38 -1.03 42.70
C HIS B 32 -8.50 -2.08 41.59
N ARG B 33 -9.56 -2.88 41.67
CA ARG B 33 -9.78 -3.94 40.67
C ARG B 33 -9.97 -3.41 39.25
N LEU B 34 -10.65 -2.28 39.11
CA LEU B 34 -10.85 -1.71 37.78
C LEU B 34 -9.51 -1.24 37.22
N ALA B 35 -8.69 -0.65 38.08
CA ALA B 35 -7.38 -0.17 37.67
C ALA B 35 -6.53 -1.32 37.12
N VAL B 36 -6.58 -2.46 37.80
CA VAL B 36 -5.81 -3.62 37.36
C VAL B 36 -6.32 -4.05 35.98
N ARG B 37 -7.64 -4.09 35.81
CA ARG B 37 -8.22 -4.49 34.54
C ARG B 37 -7.83 -3.51 33.43
N VAL B 38 -8.05 -2.23 33.68
CA VAL B 38 -7.71 -1.22 32.70
C VAL B 38 -6.23 -1.30 32.29
N THR B 39 -5.37 -1.54 33.28
CA THR B 39 -3.94 -1.65 33.04
C THR B 39 -3.56 -2.90 32.24
N SER B 40 -4.14 -4.03 32.59
CA SER B 40 -3.83 -5.27 31.88
C SER B 40 -4.31 -5.21 30.44
N LEU B 41 -5.43 -4.54 30.21
CA LEU B 41 -5.99 -4.40 28.88
C LEU B 41 -5.20 -3.38 28.07
N GLY B 42 -4.20 -2.76 28.69
CA GLY B 42 -3.39 -1.78 28.01
C GLY B 42 -4.18 -0.59 27.50
N LEU B 43 -5.19 -0.17 28.26
CA LEU B 43 -6.02 0.96 27.86
C LEU B 43 -5.39 2.31 28.15
N LEU B 44 -4.37 2.32 29.01
CA LEU B 44 -3.70 3.58 29.35
C LEU B 44 -2.60 3.85 28.33
N PRO B 45 -2.36 5.15 28.02
CA PRO B 45 -1.33 5.52 27.05
C PRO B 45 0.05 5.04 27.50
N ARG B 46 0.83 4.56 26.55
CA ARG B 46 2.17 4.08 26.83
C ARG B 46 3.08 5.28 27.08
N ALA B 47 3.86 5.23 28.15
CA ALA B 47 4.77 6.32 28.49
C ALA B 47 5.77 6.50 27.36
N THR B 48 5.98 7.75 26.94
CA THR B 48 6.93 8.05 25.86
C THR B 48 8.31 8.34 26.44
N PHE B 49 8.34 8.78 27.69
CA PHE B 49 9.59 9.10 28.39
C PHE B 49 10.62 7.99 28.16
N GLN B 50 11.83 8.38 27.74
CA GLN B 50 12.88 7.40 27.53
C GLN B 50 13.82 7.42 28.74
N ASP B 51 14.06 6.23 29.31
CA ASP B 51 14.94 6.09 30.46
C ASP B 51 16.37 6.35 30.01
N SER B 52 17.00 7.39 30.57
CA SER B 52 18.38 7.72 30.23
C SER B 52 19.37 6.79 30.94
N ASP B 53 20.58 6.71 30.39
CA ASP B 53 21.61 5.85 30.96
C ASP B 53 21.89 6.15 32.43
N MET B 54 21.73 7.41 32.84
CA MET B 54 22.02 7.77 34.21
C MET B 54 21.01 7.26 35.23
N LEU B 55 19.90 6.70 34.78
CA LEU B 55 18.88 6.18 35.68
C LEU B 55 19.02 4.68 35.89
N GLU B 56 19.96 4.06 35.16
CA GLU B 56 20.18 2.62 35.26
C GLU B 56 20.85 2.20 36.57
N VAL B 57 20.35 1.12 37.14
CA VAL B 57 20.90 0.59 38.37
C VAL B 57 21.14 -0.90 38.21
N LYS B 58 22.37 -1.31 38.47
CA LYS B 58 22.72 -2.72 38.40
C LYS B 58 22.79 -3.20 39.84
N VAL B 59 21.82 -4.02 40.23
CA VAL B 59 21.77 -4.53 41.58
C VAL B 59 20.95 -5.82 41.57
N LEU B 60 21.12 -6.63 42.61
CA LEU B 60 20.39 -7.90 42.72
C LEU B 60 20.67 -8.85 41.55
N GLY B 61 21.82 -8.70 40.91
CA GLY B 61 22.18 -9.56 39.80
C GLY B 61 21.50 -9.17 38.49
N HIS B 62 20.80 -8.05 38.50
CA HIS B 62 20.10 -7.60 37.30
C HIS B 62 20.36 -6.15 36.96
N LYS B 63 19.79 -5.72 35.85
CA LYS B 63 19.94 -4.35 35.39
C LYS B 63 18.56 -3.72 35.38
N PHE B 64 18.43 -2.56 36.00
CA PHE B 64 17.16 -1.85 36.05
C PHE B 64 17.28 -0.57 35.24
N ARG B 65 16.53 -0.49 34.13
CA ARG B 65 16.54 0.68 33.25
C ARG B 65 16.36 1.96 34.03
N ASN B 66 15.45 1.93 35.01
CA ASN B 66 15.18 3.06 35.88
C ASN B 66 14.91 2.47 37.26
N PRO B 67 15.11 3.25 38.33
CA PRO B 67 14.91 2.79 39.70
C PRO B 67 13.52 2.91 40.31
N VAL B 68 12.50 3.15 39.49
CA VAL B 68 11.14 3.29 40.00
C VAL B 68 10.25 2.09 39.66
N GLY B 69 9.88 1.32 40.68
CA GLY B 69 9.03 0.17 40.43
C GLY B 69 7.65 0.31 41.05
N ILE B 70 6.77 -0.65 40.77
CA ILE B 70 5.44 -0.65 41.35
C ILE B 70 5.53 -1.63 42.51
N ALA B 71 5.17 -1.16 43.70
CA ALA B 71 5.23 -1.97 44.91
C ALA B 71 4.30 -3.18 44.90
N ALA B 72 4.61 -4.17 45.74
CA ALA B 72 3.79 -5.35 45.85
C ALA B 72 2.39 -4.93 46.29
N GLY B 73 1.38 -5.68 45.87
CA GLY B 73 0.02 -5.35 46.28
C GLY B 73 -0.88 -4.69 45.27
N PHE B 74 -0.33 -4.14 44.19
CA PHE B 74 -1.21 -3.52 43.20
C PHE B 74 -1.68 -4.65 42.30
N ASP B 75 -0.71 -5.35 41.73
CA ASP B 75 -0.98 -6.51 40.87
C ASP B 75 -0.60 -7.76 41.67
N LYS B 76 -1.52 -8.21 42.54
CA LYS B 76 -1.29 -9.38 43.38
C LYS B 76 -1.22 -10.69 42.58
N ASN B 77 -1.95 -10.76 41.47
CA ASN B 77 -2.00 -11.98 40.70
C ASN B 77 -1.30 -12.02 39.33
N GLY B 78 -0.43 -11.04 39.09
CA GLY B 78 0.32 -11.00 37.83
C GLY B 78 -0.54 -10.86 36.58
N GLU B 79 -1.57 -10.03 36.67
CA GLU B 79 -2.50 -9.78 35.58
C GLU B 79 -2.19 -8.54 34.73
N ALA B 80 -1.38 -7.64 35.25
CA ALA B 80 -1.10 -6.41 34.52
C ALA B 80 0.37 -6.02 34.41
N VAL B 81 1.23 -7.02 34.47
CA VAL B 81 2.68 -6.79 34.39
C VAL B 81 3.12 -6.00 33.15
N ASP B 82 2.68 -6.43 31.98
CA ASP B 82 3.09 -5.74 30.76
C ASP B 82 2.56 -4.33 30.72
N GLY B 83 1.34 -4.15 31.22
CA GLY B 83 0.75 -2.83 31.25
C GLY B 83 1.51 -1.91 32.21
N LEU B 84 2.04 -2.48 33.29
CA LEU B 84 2.79 -1.69 34.25
C LEU B 84 4.13 -1.22 33.69
N TYR B 85 4.84 -2.11 33.01
CA TYR B 85 6.12 -1.71 32.39
C TYR B 85 5.79 -0.61 31.40
N LYS B 86 4.68 -0.80 30.68
CA LYS B 86 4.23 0.14 29.67
C LYS B 86 3.99 1.53 30.27
N LEU B 87 3.66 1.59 31.55
CA LEU B 87 3.42 2.86 32.22
C LEU B 87 4.72 3.58 32.56
N GLY B 88 5.83 2.85 32.51
CA GLY B 88 7.12 3.47 32.80
C GLY B 88 7.89 2.91 33.98
N PHE B 89 7.32 1.93 34.68
CA PHE B 89 8.00 1.33 35.82
C PHE B 89 9.26 0.58 35.41
N GLY B 90 10.33 0.78 36.16
CA GLY B 90 11.59 0.11 35.86
C GLY B 90 11.56 -1.35 36.25
N PHE B 91 10.57 -1.71 37.09
CA PHE B 91 10.41 -3.08 37.53
C PHE B 91 9.06 -3.28 38.18
N VAL B 92 8.56 -4.52 38.13
CA VAL B 92 7.27 -4.86 38.69
C VAL B 92 7.39 -5.98 39.71
N GLU B 93 6.67 -5.82 40.82
CA GLU B 93 6.67 -6.84 41.85
C GLU B 93 5.26 -7.38 41.96
N VAL B 94 5.06 -8.60 41.47
CA VAL B 94 3.76 -9.23 41.51
C VAL B 94 3.29 -9.43 42.95
N GLY B 95 2.19 -8.75 43.29
CA GLY B 95 1.58 -8.73 44.62
C GLY B 95 1.79 -10.02 45.36
N SER B 96 1.63 -9.98 46.69
CA SER B 96 1.83 -11.19 47.47
C SER B 96 0.99 -12.35 46.96
N VAL B 97 1.65 -13.47 46.73
CA VAL B 97 0.99 -14.68 46.23
C VAL B 97 1.02 -15.76 47.32
N THR B 98 -0.14 -16.29 47.68
CA THR B 98 -0.19 -17.35 48.69
C THR B 98 -0.26 -18.69 47.97
N PRO B 99 0.24 -19.77 48.62
CA PRO B 99 0.20 -21.09 47.98
C PRO B 99 -1.19 -21.43 47.45
N GLN B 100 -2.17 -21.44 48.34
CA GLN B 100 -3.54 -21.74 47.94
C GLN B 100 -4.30 -20.44 47.78
N PRO B 101 -5.37 -20.47 46.98
CA PRO B 101 -6.16 -19.25 46.80
C PRO B 101 -6.90 -18.98 48.10
N GLN B 102 -7.12 -17.71 48.41
CA GLN B 102 -7.89 -17.34 49.59
C GLN B 102 -8.49 -15.97 49.34
N GLU B 103 -9.59 -15.67 50.03
CA GLU B 103 -10.28 -14.41 49.82
C GLU B 103 -9.83 -13.23 50.68
N GLY B 104 -9.04 -13.50 51.71
CA GLY B 104 -8.58 -12.42 52.58
C GLY B 104 -9.62 -12.05 53.61
N ASN B 105 -9.50 -10.85 54.19
CA ASN B 105 -10.44 -10.40 55.21
C ASN B 105 -11.76 -9.94 54.61
N PRO B 106 -12.82 -9.85 55.45
CA PRO B 106 -14.14 -9.40 54.98
C PRO B 106 -14.15 -7.91 54.65
N ARG B 107 -15.10 -7.51 53.83
CA ARG B 107 -15.23 -6.12 53.43
C ARG B 107 -16.05 -5.36 54.46
N PRO B 108 -15.82 -4.04 54.57
CA PRO B 108 -14.83 -3.29 53.80
C PRO B 108 -13.42 -3.52 54.35
N ARG B 109 -12.41 -3.46 53.49
CA ARG B 109 -11.04 -3.68 53.91
C ARG B 109 -10.02 -2.72 53.28
N VAL B 110 -10.54 -1.73 52.55
CA VAL B 110 -9.69 -0.72 51.92
C VAL B 110 -10.34 0.63 52.14
N PHE B 111 -9.56 1.60 52.60
CA PHE B 111 -10.09 2.93 52.88
C PHE B 111 -9.19 4.07 52.43
N ARG B 112 -9.79 5.11 51.86
CA ARG B 112 -9.05 6.27 51.40
C ARG B 112 -9.08 7.38 52.45
N LEU B 113 -7.95 8.05 52.62
CA LEU B 113 -7.84 9.18 53.54
C LEU B 113 -7.35 10.30 52.63
N PRO B 114 -8.27 10.81 51.77
CA PRO B 114 -8.04 11.87 50.78
C PRO B 114 -7.21 13.05 51.28
N GLU B 115 -7.62 13.60 52.41
CA GLU B 115 -6.95 14.75 53.00
C GLU B 115 -5.49 14.45 53.38
N ASP B 116 -5.19 13.19 53.65
CA ASP B 116 -3.84 12.78 54.04
C ASP B 116 -3.07 12.12 52.89
N GLN B 117 -3.71 11.97 51.74
CA GLN B 117 -3.09 11.31 50.59
C GLN B 117 -2.57 9.96 51.09
N ALA B 118 -3.42 9.30 51.87
CA ALA B 118 -3.11 8.02 52.46
C ALA B 118 -4.20 6.99 52.21
N VAL B 119 -3.86 5.74 52.42
CA VAL B 119 -4.80 4.64 52.28
C VAL B 119 -4.55 3.71 53.46
N ILE B 120 -5.60 3.00 53.86
CA ILE B 120 -5.50 2.02 54.93
C ILE B 120 -6.09 0.76 54.35
N ASN B 121 -5.37 -0.35 54.47
CA ASN B 121 -5.90 -1.59 53.96
C ASN B 121 -5.67 -2.75 54.91
N ARG B 122 -6.58 -3.71 54.86
CA ARG B 122 -6.47 -4.93 55.65
C ARG B 122 -7.05 -5.99 54.74
N TYR B 123 -6.49 -6.05 53.53
CA TYR B 123 -6.90 -7.03 52.54
C TYR B 123 -6.78 -8.42 53.11
N GLY B 124 -5.65 -8.70 53.75
CA GLY B 124 -5.43 -10.01 54.33
C GLY B 124 -4.91 -11.04 53.34
N PHE B 125 -4.13 -10.58 52.36
CA PHE B 125 -3.56 -11.49 51.37
C PHE B 125 -4.60 -12.18 50.48
N ASN B 126 -5.55 -11.44 49.91
CA ASN B 126 -6.50 -12.08 49.01
C ASN B 126 -5.60 -12.47 47.84
N SER B 127 -5.66 -13.73 47.42
CA SER B 127 -4.80 -14.20 46.35
C SER B 127 -5.43 -15.30 45.49
N HIS B 128 -5.03 -15.34 44.22
CA HIS B 128 -5.51 -16.36 43.29
C HIS B 128 -4.77 -17.67 43.57
N GLY B 129 -3.62 -17.60 44.23
CA GLY B 129 -2.86 -18.80 44.52
C GLY B 129 -1.75 -19.07 43.53
N LEU B 130 -0.79 -19.91 43.92
CA LEU B 130 0.35 -20.25 43.07
C LEU B 130 0.00 -20.84 41.70
N SER B 131 -0.85 -21.88 41.67
CA SER B 131 -1.21 -22.51 40.41
C SER B 131 -1.64 -21.50 39.37
N VAL B 132 -2.61 -20.66 39.72
CA VAL B 132 -3.11 -19.65 38.81
C VAL B 132 -2.02 -18.63 38.42
N VAL B 133 -1.39 -18.02 39.40
CA VAL B 133 -0.35 -17.03 39.09
C VAL B 133 0.79 -17.65 38.29
N GLU B 134 1.06 -18.92 38.56
CA GLU B 134 2.13 -19.62 37.86
C GLU B 134 1.73 -19.77 36.39
N HIS B 135 0.48 -20.13 36.15
CA HIS B 135 -0.02 -20.29 34.77
C HIS B 135 0.10 -18.97 34.03
N ARG B 136 -0.33 -17.88 34.67
CA ARG B 136 -0.27 -16.56 34.04
C ARG B 136 1.14 -16.14 33.67
N LEU B 137 2.06 -16.29 34.61
CA LEU B 137 3.43 -15.88 34.38
C LEU B 137 4.16 -16.75 33.36
N ARG B 138 3.86 -18.05 33.33
CA ARG B 138 4.53 -18.90 32.36
C ARG B 138 4.02 -18.62 30.96
N ALA B 139 2.76 -18.22 30.86
CA ALA B 139 2.20 -17.91 29.55
C ALA B 139 2.96 -16.75 28.90
N ARG B 140 3.63 -15.94 29.72
CA ARG B 140 4.38 -14.79 29.21
C ARG B 140 5.87 -14.86 29.55
N GLN B 141 6.37 -16.06 29.83
CA GLN B 141 7.77 -16.22 30.19
C GLN B 141 8.76 -15.71 29.15
N GLN B 142 8.50 -15.99 27.87
CA GLN B 142 9.39 -15.54 26.80
C GLN B 142 9.43 -14.03 26.77
N LYS B 143 8.25 -13.43 26.81
CA LYS B 143 8.12 -11.98 26.77
C LYS B 143 8.91 -11.37 27.94
N GLN B 144 8.75 -11.94 29.12
CA GLN B 144 9.44 -11.44 30.30
C GLN B 144 10.96 -11.62 30.20
N ALA B 145 11.38 -12.74 29.61
CA ALA B 145 12.81 -13.02 29.44
C ALA B 145 13.46 -11.88 28.65
N GLN B 146 12.71 -11.33 27.69
CA GLN B 146 13.21 -10.24 26.87
C GLN B 146 13.18 -8.95 27.69
N LEU B 147 12.06 -8.71 28.37
CA LEU B 147 11.91 -7.52 29.20
C LEU B 147 13.05 -7.46 30.22
N THR B 148 13.30 -8.58 30.89
CA THR B 148 14.37 -8.66 31.87
C THR B 148 15.70 -8.30 31.20
N ALA B 149 15.99 -8.95 30.09
CA ALA B 149 17.22 -8.69 29.35
C ALA B 149 17.35 -7.22 28.96
N ASP B 150 16.22 -6.54 28.75
CA ASP B 150 16.25 -5.13 28.40
C ASP B 150 16.23 -4.22 29.63
N GLY B 151 16.48 -4.80 30.81
CA GLY B 151 16.52 -4.00 32.02
C GLY B 151 15.18 -3.69 32.68
N LEU B 152 14.23 -4.62 32.56
CA LEU B 152 12.92 -4.45 33.18
C LEU B 152 12.62 -5.74 33.94
N PRO B 153 13.26 -5.91 35.12
CA PRO B 153 13.11 -7.09 35.99
C PRO B 153 11.73 -7.32 36.59
N LEU B 154 11.43 -8.59 36.84
CA LEU B 154 10.17 -9.00 37.43
C LEU B 154 10.42 -9.55 38.82
N GLY B 155 9.75 -8.97 39.80
CA GLY B 155 9.89 -9.42 41.17
C GLY B 155 8.60 -10.10 41.61
N ILE B 156 8.72 -11.13 42.44
CA ILE B 156 7.56 -11.85 42.92
C ILE B 156 7.64 -11.95 44.44
N ASN B 157 6.63 -11.39 45.09
CA ASN B 157 6.53 -11.37 46.53
C ASN B 157 5.72 -12.60 46.99
N LEU B 158 6.34 -13.44 47.80
CA LEU B 158 5.70 -14.65 48.29
C LEU B 158 5.04 -14.51 49.66
N GLY B 159 3.79 -14.94 49.75
CA GLY B 159 3.09 -14.85 51.01
C GLY B 159 2.72 -16.22 51.55
N LYS B 160 2.02 -16.25 52.68
CA LYS B 160 1.60 -17.52 53.27
C LYS B 160 0.11 -17.53 53.55
N ASN B 161 -0.52 -18.70 53.41
CA ASN B 161 -1.96 -18.80 53.66
C ASN B 161 -2.28 -18.49 55.12
N LYS B 162 -3.47 -17.92 55.33
CA LYS B 162 -3.91 -17.54 56.67
C LYS B 162 -3.85 -18.66 57.70
N THR B 163 -4.50 -19.80 57.40
CA THR B 163 -4.53 -20.91 58.33
C THR B 163 -3.33 -21.85 58.21
N SER B 164 -2.24 -21.35 57.66
CA SER B 164 -1.04 -22.17 57.48
C SER B 164 -0.24 -22.30 58.78
N GLU B 165 0.23 -23.52 59.05
CA GLU B 165 1.03 -23.81 60.25
C GLU B 165 2.50 -23.44 60.08
N ASP B 166 3.12 -23.94 59.01
CA ASP B 166 4.51 -23.68 58.74
C ASP B 166 4.72 -22.56 57.72
N ALA B 167 5.02 -21.37 58.21
CA ALA B 167 5.24 -20.23 57.32
C ALA B 167 6.34 -20.58 56.33
N ALA B 168 7.44 -21.12 56.84
CA ALA B 168 8.58 -21.49 56.00
C ALA B 168 8.20 -22.47 54.89
N ALA B 169 7.33 -23.43 55.21
CA ALA B 169 6.89 -24.40 54.20
C ALA B 169 6.15 -23.67 53.08
N ASP B 170 5.30 -22.73 53.44
CA ASP B 170 4.55 -21.94 52.46
C ASP B 170 5.49 -21.15 51.56
N TYR B 171 6.44 -20.45 52.17
CA TYR B 171 7.39 -19.65 51.41
C TYR B 171 8.22 -20.52 50.48
N ALA B 172 8.67 -21.66 50.98
CA ALA B 172 9.46 -22.58 50.16
C ALA B 172 8.66 -23.04 48.96
N GLU B 173 7.38 -23.37 49.17
CA GLU B 173 6.55 -23.81 48.06
C GLU B 173 6.48 -22.67 47.05
N GLY B 174 6.41 -21.44 47.55
CA GLY B 174 6.37 -20.28 46.67
C GLY B 174 7.67 -20.17 45.89
N VAL B 175 8.78 -20.52 46.52
CA VAL B 175 10.08 -20.45 45.86
C VAL B 175 10.20 -21.48 44.74
N ARG B 176 9.85 -22.73 45.04
CA ARG B 176 9.91 -23.79 44.05
C ARG B 176 8.99 -23.50 42.88
N THR B 177 7.80 -23.02 43.19
CA THR B 177 6.80 -22.75 42.15
C THR B 177 7.02 -21.52 41.27
N LEU B 178 7.23 -20.35 41.88
CA LEU B 178 7.42 -19.15 41.08
C LEU B 178 8.88 -18.72 40.88
N GLY B 179 9.77 -19.21 41.73
CA GLY B 179 11.18 -18.87 41.59
C GLY B 179 11.73 -19.01 40.19
N PRO B 180 11.36 -20.07 39.45
CA PRO B 180 11.85 -20.25 38.08
C PRO B 180 11.46 -19.11 37.13
N LEU B 181 10.45 -18.33 37.51
CA LEU B 181 9.98 -17.24 36.66
C LEU B 181 10.35 -15.84 37.16
N ALA B 182 10.96 -15.77 38.34
CA ALA B 182 11.30 -14.48 38.92
C ALA B 182 12.77 -14.06 38.80
N ASP B 183 12.98 -12.75 38.74
CA ASP B 183 14.31 -12.18 38.70
C ASP B 183 14.71 -12.00 40.16
N TYR B 184 13.71 -11.76 41.01
CA TYR B 184 13.94 -11.67 42.45
C TYR B 184 12.68 -12.08 43.22
N LEU B 185 12.89 -12.62 44.41
CA LEU B 185 11.80 -13.08 45.27
C LEU B 185 11.77 -12.30 46.58
N VAL B 186 10.57 -12.09 47.12
CA VAL B 186 10.42 -11.36 48.36
C VAL B 186 9.63 -12.14 49.40
N VAL B 187 10.09 -12.08 50.65
CA VAL B 187 9.42 -12.74 51.76
C VAL B 187 9.14 -11.68 52.81
N ASN B 188 7.87 -11.49 53.14
CA ASN B 188 7.49 -10.51 54.15
C ASN B 188 7.67 -11.02 55.56
N VAL B 189 7.94 -10.09 56.45
CA VAL B 189 8.06 -10.34 57.87
C VAL B 189 7.40 -9.05 58.33
N SER B 190 6.58 -8.50 57.42
CA SER B 190 5.90 -7.22 57.60
C SER B 190 4.42 -7.04 57.25
N SER B 191 3.79 -8.01 56.59
CA SER B 191 2.38 -7.87 56.21
C SER B 191 1.53 -7.11 57.23
N GLN B 201 8.13 -15.18 68.49
CA GLN B 201 9.14 -15.26 67.45
C GLN B 201 10.32 -14.36 67.79
N GLY B 202 11.52 -14.88 67.58
CA GLY B 202 12.72 -14.11 67.86
C GLY B 202 13.70 -14.18 66.71
N LYS B 203 14.92 -13.70 66.94
CA LYS B 203 15.96 -13.69 65.92
C LYS B 203 16.22 -15.12 65.44
N THR B 204 16.00 -16.09 66.33
CA THR B 204 16.20 -17.49 66.02
C THR B 204 15.24 -18.02 64.95
N GLU B 205 13.95 -17.80 65.15
CA GLU B 205 12.94 -18.26 64.21
C GLU B 205 13.06 -17.53 62.87
N LEU B 206 13.51 -16.29 62.91
CA LEU B 206 13.69 -15.49 61.71
C LEU B 206 14.85 -16.07 60.90
N ARG B 207 15.93 -16.43 61.59
CA ARG B 207 17.09 -17.00 60.94
C ARG B 207 16.74 -18.33 60.26
N HIS B 208 16.03 -19.19 60.98
CA HIS B 208 15.63 -20.49 60.44
C HIS B 208 14.65 -20.39 59.28
N LEU B 209 13.71 -19.46 59.35
CA LEU B 209 12.74 -19.28 58.28
C LEU B 209 13.45 -18.83 57.00
N LEU B 210 14.36 -17.87 57.14
CA LEU B 210 15.09 -17.36 55.99
C LEU B 210 16.08 -18.38 55.44
N SER B 211 16.75 -19.12 56.33
CA SER B 211 17.70 -20.10 55.88
C SER B 211 17.00 -21.14 55.00
N LYS B 212 15.79 -21.52 55.39
CA LYS B 212 15.05 -22.50 54.58
C LYS B 212 14.63 -21.91 53.24
N VAL B 213 14.35 -20.60 53.22
CA VAL B 213 13.96 -19.95 51.97
C VAL B 213 15.15 -19.94 51.01
N LEU B 214 16.31 -19.53 51.52
CA LEU B 214 17.53 -19.46 50.72
C LEU B 214 17.93 -20.86 50.24
N GLN B 215 17.72 -21.83 51.11
CA GLN B 215 18.05 -23.21 50.80
C GLN B 215 17.18 -23.69 49.63
N GLU B 216 15.91 -23.30 49.65
CA GLU B 216 15.00 -23.68 48.59
C GLU B 216 15.41 -22.96 47.31
N ARG B 217 15.84 -21.71 47.46
CA ARG B 217 16.27 -20.91 46.32
C ARG B 217 17.51 -21.54 45.68
N ASP B 218 18.48 -21.93 46.49
CA ASP B 218 19.71 -22.54 45.98
C ASP B 218 19.44 -23.90 45.32
N ALA B 219 18.34 -24.54 45.72
CA ALA B 219 17.99 -25.85 45.16
C ALA B 219 17.28 -25.74 43.81
N LEU B 220 17.02 -24.50 43.37
CA LEU B 220 16.35 -24.29 42.09
C LEU B 220 17.28 -24.70 40.96
N LYS B 221 16.69 -25.28 39.94
CA LYS B 221 17.43 -25.72 38.76
C LYS B 221 17.84 -24.51 37.94
N GLY B 222 18.91 -24.64 37.16
CA GLY B 222 19.33 -23.53 36.33
C GLY B 222 20.52 -22.72 36.80
N THR B 223 20.89 -21.75 35.98
CA THR B 223 22.02 -20.87 36.25
C THR B 223 21.61 -19.58 36.95
N ARG B 224 20.60 -18.92 36.40
CA ARG B 224 20.13 -17.64 36.95
C ARG B 224 19.23 -17.81 38.18
N LYS B 225 19.86 -17.89 39.35
CA LYS B 225 19.13 -18.04 40.60
C LYS B 225 18.60 -16.67 41.01
N PRO B 226 17.28 -16.54 41.21
CA PRO B 226 16.73 -15.25 41.61
C PRO B 226 17.24 -14.77 42.97
N ALA B 227 17.38 -13.47 43.12
CA ALA B 227 17.83 -12.87 44.38
C ALA B 227 16.70 -13.01 45.40
N VAL B 228 17.03 -13.08 46.70
CA VAL B 228 15.99 -13.19 47.72
C VAL B 228 16.04 -11.98 48.67
N LEU B 229 14.92 -11.27 48.76
CA LEU B 229 14.83 -10.09 49.59
C LEU B 229 13.88 -10.31 50.76
N VAL B 230 14.07 -9.53 51.82
CA VAL B 230 13.21 -9.61 52.98
C VAL B 230 12.52 -8.24 53.08
N LYS B 231 11.19 -8.25 53.16
CA LYS B 231 10.44 -7.01 53.26
C LYS B 231 9.99 -6.83 54.69
N ILE B 232 10.35 -5.68 55.26
CA ILE B 232 10.01 -5.37 56.65
C ILE B 232 9.05 -4.20 56.82
N ALA B 233 8.38 -4.19 57.95
CA ALA B 233 7.45 -3.13 58.30
C ALA B 233 8.27 -2.03 58.96
N PRO B 234 7.68 -0.84 59.11
CA PRO B 234 8.40 0.26 59.75
C PRO B 234 8.16 0.19 61.26
N ASP B 235 7.30 -0.75 61.68
CA ASP B 235 6.96 -0.93 63.09
C ASP B 235 7.91 -1.97 63.71
N LEU B 236 9.10 -1.51 64.06
CA LEU B 236 10.10 -2.40 64.62
C LEU B 236 10.77 -1.78 65.83
N THR B 237 11.03 -2.59 66.84
CA THR B 237 11.69 -2.12 68.04
C THR B 237 13.17 -1.93 67.66
N ALA B 238 13.93 -1.30 68.54
CA ALA B 238 15.35 -1.11 68.27
C ALA B 238 15.98 -2.49 68.09
N GLN B 239 15.52 -3.45 68.88
CA GLN B 239 16.03 -4.80 68.83
C GLN B 239 15.72 -5.52 67.50
N ASP B 240 14.48 -5.37 67.03
CA ASP B 240 14.06 -5.98 65.78
C ASP B 240 14.95 -5.55 64.62
N LYS B 241 15.23 -4.25 64.55
CA LYS B 241 16.08 -3.74 63.48
C LYS B 241 17.48 -4.34 63.50
N GLU B 242 18.04 -4.48 64.70
CA GLU B 242 19.38 -5.07 64.84
C GLU B 242 19.35 -6.56 64.48
N ASP B 243 18.32 -7.27 64.93
CA ASP B 243 18.22 -8.69 64.62
C ASP B 243 18.07 -8.94 63.11
N ILE B 244 17.24 -8.13 62.44
CA ILE B 244 17.04 -8.30 61.01
C ILE B 244 18.33 -8.03 60.25
N ALA B 245 18.99 -6.93 60.60
CA ALA B 245 20.26 -6.57 59.95
C ALA B 245 21.27 -7.70 60.15
N SER B 246 21.37 -8.19 61.39
CA SER B 246 22.31 -9.26 61.74
C SER B 246 22.02 -10.56 61.00
N VAL B 247 20.76 -10.98 60.98
CA VAL B 247 20.40 -12.22 60.29
C VAL B 247 20.59 -12.03 58.77
N ALA B 248 20.23 -10.87 58.26
CA ALA B 248 20.39 -10.61 56.82
C ALA B 248 21.86 -10.67 56.45
N ARG B 249 22.70 -10.06 57.28
CA ARG B 249 24.13 -10.03 57.05
C ARG B 249 24.72 -11.45 57.20
N GLU B 250 24.26 -12.15 58.22
CA GLU B 250 24.73 -13.51 58.51
C GLU B 250 24.40 -14.53 57.43
N LEU B 251 23.15 -14.53 56.96
CA LEU B 251 22.73 -15.49 55.95
C LEU B 251 23.06 -15.12 54.51
N GLY B 252 23.41 -13.86 54.28
CA GLY B 252 23.73 -13.45 52.93
C GLY B 252 22.50 -13.13 52.12
N ILE B 253 21.48 -12.58 52.77
CA ILE B 253 20.25 -12.20 52.08
C ILE B 253 20.63 -11.19 51.00
N ASP B 254 19.96 -11.24 49.86
CA ASP B 254 20.30 -10.36 48.75
C ASP B 254 19.83 -8.93 48.84
N GLY B 255 18.85 -8.67 49.69
CA GLY B 255 18.38 -7.30 49.82
C GLY B 255 17.26 -7.15 50.82
N LEU B 256 16.87 -5.90 51.05
CA LEU B 256 15.79 -5.60 51.97
C LEU B 256 14.86 -4.62 51.27
N ILE B 257 13.57 -4.85 51.40
CA ILE B 257 12.59 -3.94 50.84
C ILE B 257 12.18 -3.24 52.11
N VAL B 258 12.52 -1.96 52.19
CA VAL B 258 12.22 -1.27 53.42
C VAL B 258 10.97 -0.47 53.51
N THR B 259 10.09 -1.10 54.27
CA THR B 259 8.79 -0.66 54.68
C THR B 259 7.52 -0.96 53.91
N ASN B 260 6.81 -1.87 54.55
CA ASN B 260 5.51 -2.31 54.14
C ASN B 260 4.70 -1.22 54.84
N THR B 261 3.40 -1.38 54.96
CA THR B 261 2.57 -0.37 55.61
C THR B 261 2.74 -0.36 57.14
N THR B 262 2.23 0.69 57.79
CA THR B 262 2.34 0.81 59.26
C THR B 262 0.99 0.75 59.97
N VAL B 263 0.97 0.12 61.16
CA VAL B 263 -0.27 0.04 61.94
C VAL B 263 -0.46 1.27 62.82
N SER B 264 0.45 2.23 62.73
CA SER B 264 0.30 3.42 63.54
C SER B 264 -0.56 4.44 62.82
N ARG B 265 -1.15 5.34 63.59
CA ARG B 265 -2.00 6.39 63.05
C ARG B 265 -1.48 7.70 63.61
N PRO B 266 -0.63 8.40 62.85
CA PRO B 266 -0.04 9.67 63.24
C PRO B 266 -1.04 10.71 63.73
N VAL B 267 -0.66 11.48 64.75
CA VAL B 267 -1.51 12.54 65.25
C VAL B 267 -1.62 13.49 64.06
N GLY B 268 -2.78 14.07 63.82
CA GLY B 268 -2.86 14.97 62.68
C GLY B 268 -3.44 14.35 61.43
N LEU B 269 -3.77 13.06 61.47
CA LEU B 269 -4.40 12.44 60.30
C LEU B 269 -5.78 13.08 60.27
N GLN B 270 -6.22 13.52 59.09
CA GLN B 270 -7.52 14.17 58.99
C GLN B 270 -8.60 13.31 58.38
N GLY B 271 -8.22 12.19 57.79
CA GLY B 271 -9.19 11.30 57.19
C GLY B 271 -10.13 10.73 58.24
N ALA B 272 -11.43 10.84 57.99
CA ALA B 272 -12.41 10.33 58.94
C ALA B 272 -12.24 8.84 59.22
N LEU B 273 -11.67 8.11 58.26
CA LEU B 273 -11.48 6.68 58.43
C LEU B 273 -10.17 6.26 59.10
N ARG B 274 -9.47 7.23 59.68
CA ARG B 274 -8.18 6.96 60.33
C ARG B 274 -8.21 5.95 61.48
N SER B 275 -9.37 5.79 62.11
CA SER B 275 -9.50 4.85 63.22
C SER B 275 -9.58 3.39 62.76
N GLU B 276 -9.77 3.17 61.47
CA GLU B 276 -9.86 1.81 60.92
C GLU B 276 -8.57 1.01 61.11
N THR B 277 -8.73 -0.29 61.32
CA THR B 277 -7.62 -1.22 61.51
C THR B 277 -6.98 -1.54 60.15
N GLY B 278 -5.70 -1.91 60.17
CA GLY B 278 -5.00 -2.23 58.93
C GLY B 278 -3.70 -1.46 58.75
N GLY B 279 -3.11 -1.58 57.56
CA GLY B 279 -1.86 -0.89 57.30
C GLY B 279 -2.03 0.43 56.57
N LEU B 280 -1.36 1.46 57.08
CA LEU B 280 -1.40 2.80 56.50
C LEU B 280 -0.27 2.98 55.50
N SER B 281 -0.59 3.56 54.35
CA SER B 281 0.39 3.82 53.31
C SER B 281 0.24 5.25 52.81
N GLY B 282 1.05 5.63 51.82
CA GLY B 282 0.94 6.97 51.30
C GLY B 282 1.82 7.96 52.02
N LYS B 283 1.50 9.24 51.87
CA LYS B 283 2.27 10.33 52.44
C LYS B 283 2.64 10.24 53.92
N PRO B 284 1.70 9.84 54.80
CA PRO B 284 2.00 9.74 56.23
C PRO B 284 3.13 8.76 56.56
N LEU B 285 3.45 7.90 55.60
CA LEU B 285 4.49 6.90 55.78
C LEU B 285 5.84 7.33 55.17
N ARG B 286 5.80 8.41 54.38
CA ARG B 286 6.96 8.94 53.68
C ARG B 286 8.26 9.10 54.48
N ASP B 287 8.24 9.92 55.53
CA ASP B 287 9.45 10.16 56.30
C ASP B 287 9.82 9.04 57.27
N LEU B 288 8.82 8.35 57.80
CA LEU B 288 9.05 7.22 58.70
C LEU B 288 9.80 6.15 57.89
N SER B 289 9.33 5.93 56.67
CA SER B 289 9.95 4.95 55.78
C SER B 289 11.42 5.29 55.46
N THR B 290 11.67 6.53 55.10
CA THR B 290 13.03 6.97 54.79
C THR B 290 13.95 6.79 55.98
N GLN B 291 13.48 7.17 57.17
CA GLN B 291 14.27 7.03 58.39
C GLN B 291 14.64 5.56 58.62
N THR B 292 13.71 4.66 58.35
CA THR B 292 13.94 3.23 58.53
C THR B 292 15.00 2.75 57.56
N ILE B 293 14.99 3.33 56.36
CA ILE B 293 15.98 2.97 55.35
C ILE B 293 17.36 3.43 55.85
N ARG B 294 17.43 4.64 56.39
CA ARG B 294 18.69 5.16 56.91
C ARG B 294 19.25 4.22 57.98
N GLU B 295 18.41 3.83 58.93
CA GLU B 295 18.84 2.94 60.00
C GLU B 295 19.29 1.56 59.53
N MET B 296 18.53 0.93 58.65
CA MET B 296 18.88 -0.40 58.17
C MET B 296 20.16 -0.37 57.33
N TYR B 297 20.35 0.71 56.60
CA TYR B 297 21.52 0.86 55.76
C TYR B 297 22.76 0.92 56.65
N ALA B 298 22.68 1.72 57.70
CA ALA B 298 23.78 1.87 58.65
C ALA B 298 24.00 0.53 59.36
N LEU B 299 22.94 -0.02 59.93
CA LEU B 299 23.04 -1.30 60.63
C LEU B 299 23.67 -2.41 59.78
N THR B 300 23.51 -2.32 58.46
CA THR B 300 24.07 -3.33 57.56
C THR B 300 25.31 -2.79 56.85
N GLN B 301 25.75 -1.61 57.27
CA GLN B 301 26.94 -0.96 56.72
C GLN B 301 26.94 -0.76 55.21
N GLY B 302 25.74 -0.53 54.67
CA GLY B 302 25.61 -0.31 53.23
C GLY B 302 25.94 -1.51 52.38
N ARG B 303 26.11 -2.66 53.01
CA ARG B 303 26.45 -3.89 52.29
C ARG B 303 25.26 -4.67 51.76
N ILE B 304 24.04 -4.22 52.05
CA ILE B 304 22.87 -4.95 51.59
C ILE B 304 21.90 -4.06 50.84
N PRO B 305 21.78 -4.29 49.52
CA PRO B 305 20.88 -3.53 48.64
C PRO B 305 19.51 -3.29 49.28
N ILE B 306 19.06 -2.05 49.29
CA ILE B 306 17.76 -1.74 49.88
C ILE B 306 16.81 -1.14 48.85
N ILE B 307 15.59 -1.65 48.80
CA ILE B 307 14.57 -1.11 47.91
C ILE B 307 13.70 -0.26 48.85
N GLY B 308 13.77 1.06 48.67
CA GLY B 308 13.02 1.97 49.51
C GLY B 308 11.59 2.16 49.03
N VAL B 309 10.65 2.12 49.97
CA VAL B 309 9.26 2.27 49.62
C VAL B 309 8.43 2.83 50.77
N GLY B 310 7.46 3.68 50.41
CA GLY B 310 6.61 4.30 51.40
C GLY B 310 6.42 5.79 51.17
N GLY B 311 5.22 6.16 50.74
CA GLY B 311 4.90 7.56 50.53
C GLY B 311 5.70 8.30 49.47
N VAL B 312 6.21 7.59 48.47
CA VAL B 312 6.95 8.26 47.40
C VAL B 312 5.94 8.84 46.40
N SER B 313 5.93 10.17 46.27
CA SER B 313 5.00 10.83 45.36
C SER B 313 5.70 11.76 44.37
N SER B 314 7.01 11.94 44.56
CA SER B 314 7.77 12.83 43.69
C SER B 314 9.20 12.35 43.51
N GLY B 315 9.89 12.93 42.53
CA GLY B 315 11.27 12.57 42.28
C GLY B 315 12.08 12.93 43.51
N GLN B 316 11.66 14.00 44.19
CA GLN B 316 12.31 14.46 45.40
C GLN B 316 12.23 13.36 46.47
N ASP B 317 11.03 12.80 46.66
CA ASP B 317 10.84 11.74 47.64
C ASP B 317 11.73 10.54 47.30
N ALA B 318 11.79 10.18 46.02
CA ALA B 318 12.61 9.04 45.61
C ALA B 318 14.09 9.29 45.91
N LEU B 319 14.56 10.49 45.58
CA LEU B 319 15.94 10.86 45.81
C LEU B 319 16.27 10.82 47.30
N GLU B 320 15.34 11.27 48.14
CA GLU B 320 15.59 11.24 49.57
C GLU B 320 15.83 9.81 50.02
N LYS B 321 15.04 8.88 49.49
CA LYS B 321 15.20 7.47 49.87
C LYS B 321 16.49 6.89 49.32
N ILE B 322 16.82 7.24 48.08
CA ILE B 322 18.04 6.76 47.46
C ILE B 322 19.24 7.29 48.26
N GLN B 323 19.21 8.58 48.59
CA GLN B 323 20.30 9.18 49.36
C GLN B 323 20.39 8.59 50.76
N ALA B 324 19.25 8.19 51.31
CA ALA B 324 19.25 7.59 52.64
C ALA B 324 19.77 6.15 52.59
N GLY B 325 19.87 5.56 51.40
CA GLY B 325 20.39 4.21 51.30
C GLY B 325 19.74 3.24 50.32
N ALA B 326 18.66 3.65 49.68
CA ALA B 326 17.97 2.78 48.73
C ALA B 326 18.67 2.73 47.37
N SER B 327 18.76 1.53 46.80
CA SER B 327 19.35 1.35 45.48
C SER B 327 18.25 1.48 44.43
N LEU B 328 17.03 1.18 44.86
CA LEU B 328 15.82 1.22 44.02
C LEU B 328 14.68 1.67 44.92
N VAL B 329 13.60 2.16 44.31
CA VAL B 329 12.44 2.60 45.08
C VAL B 329 11.19 2.03 44.44
N GLN B 330 10.11 2.06 45.21
CA GLN B 330 8.83 1.58 44.73
C GLN B 330 7.79 2.56 45.21
N LEU B 331 6.65 2.54 44.55
CA LEU B 331 5.55 3.40 44.96
C LEU B 331 4.28 2.65 44.62
N TYR B 332 3.21 3.01 45.31
CA TYR B 332 1.93 2.39 45.07
C TYR B 332 0.83 3.43 45.30
N THR B 333 0.67 3.85 46.55
CA THR B 333 -0.36 4.79 46.91
C THR B 333 -0.39 6.10 46.12
N ALA B 334 0.77 6.58 45.69
CA ALA B 334 0.79 7.83 44.94
C ALA B 334 0.03 7.69 43.61
N LEU B 335 0.07 6.48 43.05
CA LEU B 335 -0.61 6.18 41.80
C LEU B 335 -2.10 6.44 41.99
N ILE B 336 -2.58 6.20 43.19
CA ILE B 336 -3.98 6.37 43.55
C ILE B 336 -4.40 7.82 43.63
N PHE B 337 -3.56 8.69 44.18
CA PHE B 337 -3.92 10.09 44.32
C PHE B 337 -3.38 11.01 43.23
N LEU B 338 -2.43 10.52 42.43
CA LEU B 338 -1.86 11.35 41.39
C LEU B 338 -2.09 10.76 40.01
N GLY B 339 -2.49 9.49 39.96
CA GLY B 339 -2.75 8.84 38.70
C GLY B 339 -1.48 8.34 38.01
N PRO B 340 -1.62 7.61 36.90
CA PRO B 340 -0.52 7.05 36.12
C PRO B 340 0.57 8.07 35.76
N PRO B 341 0.21 9.35 35.59
CA PRO B 341 1.24 10.33 35.25
C PRO B 341 2.37 10.41 36.29
N VAL B 342 2.09 9.95 37.51
CA VAL B 342 3.08 10.01 38.58
C VAL B 342 4.35 9.22 38.29
N VAL B 343 4.23 8.13 37.53
CA VAL B 343 5.40 7.30 37.25
C VAL B 343 6.49 8.02 36.46
N VAL B 344 6.10 8.62 35.35
CA VAL B 344 7.05 9.34 34.53
C VAL B 344 7.48 10.60 35.27
N ARG B 345 6.53 11.26 35.95
CA ARG B 345 6.83 12.48 36.69
C ARG B 345 7.92 12.27 37.73
N VAL B 346 7.85 11.15 38.44
CA VAL B 346 8.87 10.86 39.45
C VAL B 346 10.23 10.62 38.80
N LYS B 347 10.24 9.88 37.70
CA LYS B 347 11.49 9.60 36.99
C LYS B 347 12.12 10.85 36.42
N ARG B 348 11.30 11.71 35.83
CA ARG B 348 11.76 12.94 35.22
C ARG B 348 12.35 13.88 36.27
N GLU B 349 11.64 14.04 37.39
CA GLU B 349 12.10 14.91 38.46
C GLU B 349 13.35 14.34 39.11
N LEU B 350 13.35 13.03 39.31
CA LEU B 350 14.50 12.35 39.90
C LEU B 350 15.72 12.62 39.03
N GLU B 351 15.52 12.53 37.72
CA GLU B 351 16.60 12.76 36.77
C GLU B 351 17.16 14.18 36.84
N ALA B 352 16.27 15.17 36.96
CA ALA B 352 16.69 16.56 37.03
C ALA B 352 17.29 16.91 38.40
N LEU B 353 16.82 16.24 39.45
CA LEU B 353 17.33 16.50 40.79
C LEU B 353 18.73 15.92 40.94
N LEU B 354 18.96 14.77 40.30
CA LEU B 354 20.27 14.15 40.35
C LEU B 354 21.29 15.10 39.70
N LYS B 355 20.99 15.59 38.50
CA LYS B 355 21.89 16.50 37.79
C LYS B 355 22.13 17.75 38.64
N GLU B 356 21.04 18.34 39.09
CA GLU B 356 21.07 19.55 39.90
C GLU B 356 21.91 19.39 41.17
N ARG B 357 21.98 18.19 41.72
CA ARG B 357 22.75 17.98 42.93
C ARG B 357 24.15 17.42 42.71
N GLY B 358 24.60 17.41 41.46
CA GLY B 358 25.94 16.93 41.17
C GLY B 358 26.12 15.44 40.95
N PHE B 359 25.04 14.67 40.94
CA PHE B 359 25.18 13.23 40.71
C PHE B 359 25.07 12.96 39.22
N THR B 360 26.08 12.32 38.64
CA THR B 360 26.05 12.02 37.20
C THR B 360 25.19 10.80 36.92
N THR B 361 25.00 9.95 37.93
CA THR B 361 24.13 8.77 37.79
C THR B 361 23.43 8.50 39.11
N VAL B 362 22.32 7.77 39.05
CA VAL B 362 21.55 7.43 40.25
C VAL B 362 22.47 6.69 41.22
N THR B 363 23.26 5.77 40.67
CA THR B 363 24.18 4.97 41.46
C THR B 363 25.07 5.78 42.42
N ASP B 364 25.53 6.95 41.97
CA ASP B 364 26.40 7.79 42.80
C ASP B 364 25.68 8.39 44.00
N ALA B 365 24.36 8.47 43.93
CA ALA B 365 23.57 9.02 45.02
C ALA B 365 23.20 8.01 46.11
N ILE B 366 23.22 6.73 45.76
CA ILE B 366 22.87 5.66 46.71
C ILE B 366 23.69 5.75 48.00
N GLY B 367 23.01 5.99 49.11
CA GLY B 367 23.68 6.09 50.41
C GLY B 367 24.47 7.38 50.64
N ALA B 368 24.29 8.34 49.74
CA ALA B 368 24.98 9.64 49.82
C ALA B 368 24.97 10.28 51.21
N ASP B 369 23.85 10.17 51.94
CA ASP B 369 23.77 10.76 53.27
C ASP B 369 24.73 10.11 54.26
N HIS B 370 25.20 8.91 53.94
CA HIS B 370 26.09 8.19 54.83
C HIS B 370 27.57 8.50 54.61
N ARG B 371 27.87 9.23 53.54
CA ARG B 371 29.24 9.63 53.26
C ARG B 371 29.44 11.03 53.83
N ARG B 372 30.07 11.10 55.00
CA ARG B 372 30.31 12.38 55.65
C ARG B 372 31.62 12.35 56.45
N1 FMN C . -10.19 -2.16 -45.20
C2 FMN C . -9.05 -2.80 -44.81
O2 FMN C . -8.33 -2.43 -43.89
N3 FMN C . -8.68 -3.98 -45.52
C4 FMN C . -9.38 -4.51 -46.56
O4 FMN C . -8.99 -5.55 -47.13
C4A FMN C . -10.60 -3.83 -46.96
N5 FMN C . -11.35 -4.29 -47.97
C5A FMN C . -12.49 -3.60 -48.34
C6 FMN C . -13.35 -4.06 -49.44
C7 FMN C . -14.47 -3.39 -49.86
C7M FMN C . -15.35 -3.88 -51.01
C8 FMN C . -14.86 -2.16 -49.17
C8M FMN C . -16.08 -1.34 -49.56
C9 FMN C . -14.07 -1.73 -48.12
C9A FMN C . -12.90 -2.39 -47.68
N10 FMN C . -12.08 -1.94 -46.60
C10 FMN C . -10.94 -2.60 -46.20
C1' FMN C . -12.48 -0.70 -45.88
C2' FMN C . -12.02 0.60 -46.51
O2' FMN C . -10.58 0.68 -46.49
C3' FMN C . -12.55 1.82 -45.72
O3' FMN C . -12.06 1.72 -44.36
C4' FMN C . -14.07 1.90 -45.64
O4' FMN C . -14.68 1.31 -46.82
C5' FMN C . -14.61 3.30 -45.48
O5' FMN C . -14.24 4.14 -46.57
P FMN C . -15.20 4.49 -47.79
O1P FMN C . -14.53 5.60 -48.54
O2P FMN C . -15.26 3.21 -48.62
O3P FMN C . -16.55 4.85 -47.17
N1 ORO D . -13.89 -5.85 -45.47
C2 ORO D . -13.94 -4.59 -44.86
O2 ORO D . -14.90 -3.83 -45.00
N3 ORO D . -12.85 -4.28 -44.07
C4 ORO D . -11.73 -5.07 -43.84
O4 ORO D . -10.81 -4.68 -43.13
C5 ORO D . -11.74 -6.37 -44.51
C6 ORO D . -12.80 -6.69 -45.27
C7 ORO D . -12.87 -8.03 -46.00
O71 ORO D . -11.92 -8.50 -46.59
O72 ORO D . -14.04 -8.49 -45.86
O1 AFI E . -14.45 -0.63 -58.17
O2 AFI E . -19.67 -2.32 -57.29
C1 AFI E . -15.64 -1.02 -57.97
C2 AFI E . -16.79 -0.66 -58.97
C3 AFI E . -18.15 -1.13 -58.70
C4 AFI E . -18.49 -1.92 -57.52
C5 AFI E . -17.69 -3.04 -55.36
C6 AFI E . -16.64 -3.36 -54.42
C7 AFI E . -15.31 -2.92 -54.65
C8 AFI E . -14.99 -2.16 -55.81
C9 AFI E . -16.01 -1.82 -56.77
C10 AFI E . -17.39 -2.27 -56.53
O6 AFI E . -19.21 -0.81 -59.60
C11 AFI E . -16.09 1.80 -59.90
C12 AFI E . -15.14 2.31 -61.01
C13 AFI E . -15.86 2.15 -62.37
C14 AFI E . -15.88 0.63 -62.69
C15 AFI E . -16.79 -0.12 -61.64
C16 AFI E . -16.54 0.30 -60.11
CL AFI E . -13.80 5.97 -66.73
C17 AFI E . -15.32 3.08 -63.46
C18 AFI E . -16.21 4.04 -64.10
C19 AFI E . -15.76 4.95 -65.13
C20 AFI E . -14.37 4.87 -65.49
C21 AFI E . -13.42 3.93 -64.88
C22 AFI E . -13.93 3.05 -63.87
C1 BOG F . -16.16 -11.17 -64.32
O1 BOG F . -16.56 -10.83 -65.67
C2 BOG F . -17.09 -12.28 -63.79
O2 BOG F . -18.45 -11.81 -63.83
C3 BOG F . -16.69 -12.67 -62.34
O3 BOG F . -17.55 -13.69 -61.85
C4 BOG F . -15.22 -13.17 -62.36
O4 BOG F . -14.81 -13.55 -61.03
C5 BOG F . -14.31 -12.02 -62.90
O5 BOG F . -14.77 -11.65 -64.26
C6 BOG F . -12.87 -12.46 -62.95
O6 BOG F . -12.17 -11.68 -63.93
C1' BOG F . -15.76 -9.80 -66.27
C2' BOG F . -16.33 -9.60 -67.66
C3' BOG F . -15.67 -8.38 -68.29
C4' BOG F . -16.19 -8.16 -69.68
C5' BOG F . -15.58 -6.98 -70.37
C6' BOG F . -16.36 -6.69 -71.64
C7' BOG F . -15.81 -5.51 -72.42
C8' BOG F . -16.62 -5.28 -73.67
N1 FMN G . 2.91 -5.29 50.26
C2 FMN G . 3.29 -6.58 50.13
O2 FMN G . 4.39 -7.00 50.36
N3 FMN G . 2.28 -7.51 49.68
C4 FMN G . 1.00 -7.16 49.39
O4 FMN G . 0.19 -8.03 49.01
C4A FMN G . 0.62 -5.78 49.55
N5 FMN G . -0.62 -5.37 49.29
C5A FMN G . -0.95 -4.04 49.43
C6 FMN G . -2.30 -3.55 49.15
C7 FMN G . -2.67 -2.23 49.26
C7M FMN G . -4.09 -1.74 48.96
C8 FMN G . -1.67 -1.25 49.67
C8M FMN G . -1.97 0.23 49.81
C9 FMN G . -0.38 -1.71 49.95
C9A FMN G . 0.03 -3.05 49.85
N10 FMN G . 1.34 -3.53 50.13
C10 FMN G . 1.70 -4.86 50.00
C1' FMN G . 2.38 -2.55 50.58
C2' FMN G . 3.09 -1.79 49.47
O2' FMN G . 3.86 -2.69 48.65
C3' FMN G . 4.09 -0.75 50.04
O3' FMN G . 5.10 -1.42 50.82
C4' FMN G . 3.42 0.29 50.96
O4' FMN G . 2.08 0.59 50.50
C5' FMN G . 4.16 1.61 51.06
O5' FMN G . 4.30 2.28 49.80
P FMN G . 3.31 3.41 49.25
O1P FMN G . 3.94 3.93 48.02
O2P FMN G . 2.01 2.70 48.96
O3P FMN G . 3.17 4.42 50.40
N1 ORO H . -1.50 -5.33 53.08
C2 ORO H . -0.38 -4.53 53.27
O2 ORO H . -0.45 -3.33 53.48
N3 ORO H . 0.86 -5.21 53.22
C4 ORO H . 1.04 -6.57 53.00
O4 ORO H . 2.16 -7.06 52.97
C5 ORO H . -0.19 -7.34 52.81
C6 ORO H . -1.38 -6.70 52.86
C7 ORO H . -2.71 -7.44 52.67
O71 ORO H . -2.86 -8.27 51.79
O72 ORO H . -3.52 -7.03 53.54
O1 AFI I . -5.53 1.65 41.97
O2 AFI I . -8.78 3.75 45.93
C1 AFI I . -6.27 2.13 42.88
C2 AFI I . -7.18 3.38 42.62
C3 AFI I . -8.02 3.88 43.68
C4 AFI I . -8.05 3.29 45.01
C5 AFI I . -7.15 1.48 46.61
C6 AFI I . -6.30 0.35 46.86
C7 AFI I . -5.48 -0.18 45.84
C8 AFI I . -5.47 0.40 44.54
C9 AFI I . -6.30 1.54 44.24
C10 AFI I . -7.16 2.09 45.30
O6 AFI I . -8.86 5.02 43.46
C11 AFI I . -5.72 4.84 40.84
C12 AFI I . -5.56 4.83 39.30
C13 AFI I . -6.79 5.53 38.67
C14 AFI I . -7.98 4.55 38.82
C15 AFI I . -8.33 4.38 40.36
C16 AFI I . -7.06 4.15 41.32
CL AFI I . -5.71 7.87 33.09
C17 AFI I . -6.52 6.08 37.27
C18 AFI I . -6.69 7.51 37.01
C19 AFI I . -6.44 8.08 35.71
C20 AFI I . -6.03 7.19 34.67
C21 AFI I . -5.84 5.75 34.86
C22 AFI I . -6.10 5.22 36.18
C1 BOG J . -16.80 -3.25 40.84
O1 BOG J . -17.53 -2.46 39.89
C2 BOG J . -17.70 -3.55 42.05
O2 BOG J . -18.12 -2.30 42.62
C3 BOG J . -16.94 -4.40 43.09
O3 BOG J . -17.78 -4.68 44.22
C4 BOG J . -16.51 -5.73 42.42
O4 BOG J . -15.81 -6.56 43.37
C5 BOG J . -15.59 -5.39 41.20
O5 BOG J . -16.35 -4.55 40.26
C6 BOG J . -15.16 -6.66 40.49
O6 BOG J . -14.91 -6.36 39.10
C1' BOG J . -16.78 -2.13 38.70
C2' BOG J . -17.70 -1.28 37.86
C3' BOG J . -16.92 -0.71 36.68
C4' BOG J . -17.82 0.13 35.81
C5' BOG J . -17.14 0.72 34.61
C6' BOG J . -18.06 1.75 33.98
C7' BOG J . -17.46 2.40 32.76
C8' BOG J . -18.43 3.40 32.18
#